data_5DSY
#
_entry.id   5DSY
#
_cell.length_a   92.163
_cell.length_b   119.900
_cell.length_c   120.739
_cell.angle_alpha   90.00
_cell.angle_beta   90.00
_cell.angle_gamma   90.00
#
_symmetry.space_group_name_H-M   'P 21 21 21'
#
loop_
_entity.id
_entity.type
_entity.pdbx_description
1 polymer 'Poly [ADP-ribose] polymerase 2'
2 non-polymer 2-[4-[(2S,3S,4R,5R)-5-(6-aminopurin-9-yl)-3,4-bis(oxidanyl)oxolan-2-yl]carbonylpiperazin-1-yl]-N-(1-oxidanylidene-2,3-dihydroisoindol-4-yl)ethanamide
3 water water
#
_entity_poly.entity_id   1
_entity_poly.type   'polypeptide(L)'
_entity_poly.pdbx_seq_one_letter_code
;MGSSHHHHHHSSGLVPRGSHPESQLDLRVQELIKLICNVQAMEEKTELQSPEHPLDQHYRNLHCALRPLDHESYEFKVIS
QYLQSTHAPTHSDYTMTLLDLFEVEKDGEKEAFREDLHNRMLLWHGSRMSNWVGILSHGLRIAPPEAPITGYMFGKGIYF
ADMSSKSANYCFASRLKNTGLLLLSEVALGQCNELLEANPKAEGLLQGKHSTKGLGKMAPSSAHFVTLNGSTVPLGPASD
TGILNPDGYTLNYNEYIVYNPNQVRMRYLLKVQFNFLQLW
;
_entity_poly.pdbx_strand_id   A,B,C,D
#
# COMPACT_ATOMS: atom_id res chain seq x y z
N PRO A 21 39.09 -1.00 45.55
CA PRO A 21 38.27 -1.07 46.77
C PRO A 21 36.95 -0.31 46.67
N GLU A 22 36.93 1.02 46.65
CA GLU A 22 35.64 1.71 46.65
C GLU A 22 35.22 2.21 45.25
N SER A 23 33.95 1.99 44.91
CA SER A 23 33.44 2.33 43.58
C SER A 23 33.17 3.83 43.44
N GLN A 24 33.40 4.33 42.23
CA GLN A 24 33.21 5.75 41.99
C GLN A 24 31.91 6.00 41.25
N LEU A 25 31.14 4.94 41.00
CA LEU A 25 29.87 5.05 40.29
C LEU A 25 28.70 5.27 41.24
N ASP A 26 27.71 6.05 40.79
CA ASP A 26 26.47 6.19 41.54
C ASP A 26 25.92 4.77 41.78
N LEU A 27 25.32 4.56 42.95
CA LEU A 27 24.83 3.26 43.38
C LEU A 27 23.88 2.66 42.38
N ARG A 28 23.12 3.52 41.72
CA ARG A 28 22.14 3.04 40.77
C ARG A 28 22.86 2.50 39.55
N VAL A 29 23.93 3.17 39.15
CA VAL A 29 24.73 2.67 38.04
C VAL A 29 25.49 1.40 38.46
N GLN A 30 25.88 1.31 39.72
CA GLN A 30 26.51 0.08 40.20
C GLN A 30 25.59 -1.12 39.99
N GLU A 31 24.35 -1.00 40.45
CA GLU A 31 23.43 -2.13 40.37
C GLU A 31 23.12 -2.50 38.93
N LEU A 32 23.08 -1.50 38.04
CA LEU A 32 22.89 -1.78 36.63
C LEU A 32 24.01 -2.66 36.09
N ILE A 33 25.25 -2.29 36.40
CA ILE A 33 26.43 -3.00 35.95
C ILE A 33 26.49 -4.43 36.50
N LYS A 34 26.16 -4.62 37.79
CA LYS A 34 26.10 -5.97 38.39
C LYS A 34 25.25 -6.90 37.53
N LEU A 35 24.15 -6.36 37.02
CA LEU A 35 23.12 -7.07 36.27
C LEU A 35 23.53 -7.53 34.88
N ILE A 36 24.06 -6.65 34.05
CA ILE A 36 24.40 -7.04 32.69
C ILE A 36 25.81 -7.65 32.54
N CYS A 37 26.60 -7.62 33.62
CA CYS A 37 28.01 -8.06 33.62
C CYS A 37 28.36 -9.20 34.58
N ASN A 38 29.67 -9.47 34.65
CA ASN A 38 30.30 -10.52 35.48
C ASN A 38 30.04 -11.91 34.94
N GLN A 49 44.56 -7.31 42.01
CA GLN A 49 43.84 -6.20 42.63
C GLN A 49 44.18 -4.85 42.02
N SER A 50 43.31 -4.31 41.16
CA SER A 50 43.58 -3.02 40.56
C SER A 50 43.20 -1.94 41.56
N PRO A 51 43.55 -0.68 41.28
CA PRO A 51 42.99 0.29 42.20
C PRO A 51 41.56 0.59 41.81
N GLU A 52 41.13 0.04 40.67
CA GLU A 52 39.81 0.35 40.14
C GLU A 52 38.88 -0.77 40.57
N HIS A 53 37.70 -0.39 41.07
CA HIS A 53 36.69 -1.38 41.43
C HIS A 53 36.29 -2.17 40.18
N PRO A 54 36.18 -3.51 40.30
CA PRO A 54 35.86 -4.32 39.10
C PRO A 54 34.60 -3.84 38.37
N LEU A 55 33.68 -3.22 39.10
CA LEU A 55 32.50 -2.58 38.53
C LEU A 55 32.91 -1.40 37.63
N ASP A 56 33.83 -0.60 38.16
CA ASP A 56 34.28 0.58 37.44
C ASP A 56 35.03 0.15 36.21
N GLN A 57 35.65 -1.03 36.28
CA GLN A 57 36.36 -1.59 35.12
C GLN A 57 35.38 -1.90 34.02
N HIS A 58 34.34 -2.65 34.34
CA HIS A 58 33.29 -3.01 33.38
C HIS A 58 32.63 -1.78 32.79
N TYR A 59 32.25 -0.83 33.64
CA TYR A 59 31.63 0.39 33.18
C TYR A 59 32.54 1.18 32.24
N ARG A 60 33.82 1.21 32.58
CA ARG A 60 34.75 1.97 31.76
C ARG A 60 34.88 1.30 30.40
N ASN A 61 34.89 -0.02 30.37
CA ASN A 61 35.10 -0.75 29.12
C ASN A 61 33.89 -0.81 28.19
N LEU A 62 32.80 -0.16 28.57
CA LEU A 62 31.65 -0.03 27.68
C LEU A 62 31.85 1.13 26.73
N HIS A 63 32.64 2.13 27.15
CA HIS A 63 32.81 3.38 26.40
C HIS A 63 31.45 3.98 26.16
N CYS A 64 30.68 4.06 27.23
CA CYS A 64 29.29 4.46 27.14
C CYS A 64 28.81 5.12 28.43
N ALA A 65 28.47 6.39 28.33
CA ALA A 65 27.93 7.10 29.47
C ALA A 65 26.58 6.54 29.86
N LEU A 66 26.37 6.31 31.16
CA LEU A 66 25.07 5.89 31.67
C LEU A 66 24.76 6.73 32.88
N ARG A 67 23.97 7.79 32.73
CA ARG A 67 23.66 8.68 33.84
C ARG A 67 22.23 8.57 34.31
N PRO A 68 22.02 8.22 35.59
CA PRO A 68 20.66 8.09 36.13
C PRO A 68 19.87 9.39 36.13
N LEU A 69 18.57 9.29 35.90
CA LEU A 69 17.66 10.44 35.92
C LEU A 69 16.74 10.40 37.14
N ASP A 70 16.27 11.58 37.54
CA ASP A 70 15.49 11.74 38.76
C ASP A 70 14.04 11.34 38.47
N HIS A 71 13.47 10.54 39.36
CA HIS A 71 12.11 10.01 39.16
C HIS A 71 11.01 11.06 39.07
N GLU A 72 11.34 12.34 39.33
CA GLU A 72 10.35 13.42 39.32
C GLU A 72 10.54 14.32 38.13
N SER A 73 11.65 14.09 37.42
CA SER A 73 11.97 14.91 36.26
C SER A 73 10.91 14.65 35.19
N TYR A 74 10.72 15.63 34.32
CA TYR A 74 9.75 15.48 33.26
C TYR A 74 10.05 14.26 32.42
N GLU A 75 11.33 14.07 32.11
CA GLU A 75 11.73 13.01 31.21
C GLU A 75 11.37 11.66 31.78
N PHE A 76 11.48 11.53 33.10
CA PHE A 76 11.07 10.29 33.73
C PHE A 76 9.58 10.11 33.56
N LYS A 77 8.82 11.19 33.70
CA LYS A 77 7.38 11.08 33.64
C LYS A 77 6.92 10.71 32.25
N VAL A 78 7.48 11.36 31.24
CA VAL A 78 7.07 11.08 29.86
C VAL A 78 7.38 9.64 29.46
N ILE A 79 8.61 9.20 29.72
CA ILE A 79 9.06 7.87 29.33
C ILE A 79 8.32 6.79 30.13
N SER A 80 8.05 7.09 31.38
CA SER A 80 7.23 6.24 32.20
C SER A 80 5.85 6.07 31.55
N GLN A 81 5.35 7.15 30.94
CA GLN A 81 4.04 7.11 30.33
C GLN A 81 4.09 6.34 29.00
N TYR A 82 5.19 6.55 28.28
CA TYR A 82 5.43 5.88 27.04
C TYR A 82 5.34 4.36 27.24
N LEU A 83 6.04 3.92 28.28
CA LEU A 83 6.15 2.51 28.62
C LEU A 83 4.77 1.91 28.89
N GLN A 84 3.95 2.64 29.65
CA GLN A 84 2.69 2.10 30.13
C GLN A 84 1.56 2.20 29.11
N SER A 85 1.52 3.31 28.37
CA SER A 85 0.43 3.54 27.43
C SER A 85 0.61 2.80 26.12
N THR A 86 1.81 2.30 25.89
CA THR A 86 2.04 1.53 24.69
C THR A 86 2.37 0.11 25.07
N HIS A 87 2.00 -0.27 26.30
CA HIS A 87 1.90 -1.69 26.61
C HIS A 87 0.64 -2.24 25.96
N ALA A 88 0.85 -3.18 25.06
CA ALA A 88 -0.23 -3.67 24.22
C ALA A 88 -1.31 -4.41 25.02
N PRO A 89 -2.60 -4.21 24.64
CA PRO A 89 -3.81 -4.83 25.22
C PRO A 89 -3.81 -6.35 25.10
N THR A 90 -3.26 -6.85 24.02
CA THR A 90 -3.19 -8.29 23.80
C THR A 90 -1.93 -8.88 24.45
N HIS A 91 -1.14 -8.04 25.13
CA HIS A 91 -0.02 -8.54 25.92
C HIS A 91 -0.35 -8.45 27.42
N SER A 92 -1.50 -9.00 27.80
CA SER A 92 -2.02 -8.84 29.15
C SER A 92 -1.47 -9.92 30.08
N ASP A 93 -0.58 -10.75 29.56
CA ASP A 93 -0.03 -11.80 30.40
C ASP A 93 1.04 -11.24 31.40
N TYR A 94 1.33 -9.94 31.35
CA TYR A 94 2.20 -9.33 32.35
C TYR A 94 2.01 -7.81 32.39
N THR A 95 2.54 -7.16 33.44
CA THR A 95 2.68 -5.68 33.50
C THR A 95 4.12 -5.32 33.77
N MET A 96 4.46 -4.05 33.57
CA MET A 96 5.83 -3.60 33.78
C MET A 96 5.93 -2.39 34.71
N THR A 97 6.96 -2.40 35.55
CA THR A 97 7.25 -1.31 36.46
C THR A 97 8.61 -0.74 36.13
N LEU A 98 8.70 0.58 36.05
CA LEU A 98 9.98 1.25 35.77
C LEU A 98 10.76 1.46 37.05
N LEU A 99 11.80 0.66 37.23
CA LEU A 99 12.65 0.70 38.42
C LEU A 99 13.62 1.88 38.39
N ASP A 100 14.34 1.99 37.29
CA ASP A 100 15.37 3.00 37.14
C ASP A 100 15.44 3.47 35.70
N LEU A 101 15.77 4.75 35.53
CA LEU A 101 15.88 5.30 34.20
C LEU A 101 17.27 5.85 34.00
N PHE A 102 17.86 5.59 32.83
CA PHE A 102 19.20 6.07 32.52
C PHE A 102 19.27 6.80 31.21
N GLU A 103 20.15 7.77 31.14
CA GLU A 103 20.45 8.50 29.92
C GLU A 103 21.67 7.83 29.31
N VAL A 104 21.60 7.55 28.02
CA VAL A 104 22.65 6.83 27.35
C VAL A 104 23.33 7.84 26.40
N GLU A 105 24.65 7.96 26.49
CA GLU A 105 25.39 8.71 25.47
C GLU A 105 26.60 7.95 24.98
N LYS A 106 26.46 7.34 23.81
CA LYS A 106 27.56 6.61 23.21
C LYS A 106 28.39 7.59 22.39
N ASP A 107 29.69 7.66 22.71
CA ASP A 107 30.61 8.56 22.03
C ASP A 107 30.67 8.22 20.56
N GLY A 108 30.61 9.27 19.73
CA GLY A 108 30.65 9.11 18.29
C GLY A 108 29.29 8.99 17.63
N GLU A 109 28.28 8.53 18.37
CA GLU A 109 26.94 8.32 17.80
C GLU A 109 26.22 9.61 17.40
N LYS A 110 26.42 10.68 18.18
CA LYS A 110 25.79 11.94 17.82
C LYS A 110 26.31 12.51 16.50
N GLU A 111 27.63 12.36 16.29
CA GLU A 111 28.28 12.86 15.08
C GLU A 111 27.84 12.08 13.87
N ALA A 112 27.80 10.75 14.03
CA ALA A 112 27.47 9.87 12.92
C ALA A 112 26.00 9.93 12.53
N PHE A 113 25.17 10.43 13.43
CA PHE A 113 23.72 10.33 13.26
C PHE A 113 23.22 11.09 12.03
N ARG A 114 22.29 10.50 11.30
CA ARG A 114 21.65 11.20 10.18
C ARG A 114 20.69 12.26 10.71
N GLU A 115 21.18 13.42 11.11
CA GLU A 115 20.27 14.40 11.68
C GLU A 115 19.45 15.05 10.56
N ASP A 116 19.92 14.88 9.33
CA ASP A 116 19.24 15.46 8.18
C ASP A 116 17.84 14.89 7.93
N LEU A 117 17.67 13.59 8.16
CA LEU A 117 16.43 12.87 7.84
C LEU A 117 15.25 13.27 8.74
N HIS A 118 14.06 13.31 8.14
CA HIS A 118 12.82 13.59 8.87
C HIS A 118 12.23 12.32 9.50
N ASN A 119 11.06 12.44 10.13
CA ASN A 119 10.41 11.33 10.85
C ASN A 119 11.33 10.68 11.85
N ARG A 120 11.93 11.50 12.69
CA ARG A 120 12.81 10.99 13.73
C ARG A 120 11.96 10.62 14.94
N MET A 121 12.00 9.35 15.29
CA MET A 121 11.17 8.84 16.37
C MET A 121 11.94 8.20 17.50
N LEU A 122 11.41 8.32 18.70
CA LEU A 122 11.95 7.64 19.85
C LEU A 122 11.25 6.29 19.97
N LEU A 123 11.97 5.21 19.70
CA LEU A 123 11.40 3.86 19.54
C LEU A 123 12.02 2.81 20.46
N TRP A 124 11.29 1.71 20.72
CA TRP A 124 11.71 0.67 21.68
C TRP A 124 12.63 -0.40 21.09
N HIS A 125 13.61 -0.86 21.87
CA HIS A 125 14.37 -2.03 21.46
C HIS A 125 14.64 -2.92 22.66
N GLY A 126 14.15 -4.16 22.57
CA GLY A 126 14.34 -5.17 23.61
C GLY A 126 15.27 -6.26 23.11
N SER A 127 15.93 -6.89 24.08
CA SER A 127 16.94 -7.92 23.82
C SER A 127 17.27 -8.80 25.04
N ARG A 128 17.87 -9.94 24.80
CA ARG A 128 18.31 -10.81 25.90
C ARG A 128 19.32 -10.09 26.80
N MET A 129 19.34 -10.46 28.07
CA MET A 129 20.26 -9.87 29.03
C MET A 129 21.72 -9.97 28.58
N SER A 130 22.08 -11.11 28.00
CA SER A 130 23.46 -11.35 27.63
C SER A 130 23.94 -10.38 26.55
N ASN A 131 23.03 -9.67 25.90
CA ASN A 131 23.46 -8.82 24.78
C ASN A 131 23.73 -7.37 25.15
N TRP A 132 23.41 -6.95 26.36
CA TRP A 132 23.51 -5.53 26.69
C TRP A 132 24.95 -5.01 26.77
N VAL A 133 25.89 -5.84 27.21
CA VAL A 133 27.29 -5.41 27.17
C VAL A 133 27.69 -5.08 25.74
N GLY A 134 27.35 -5.98 24.82
CA GLY A 134 27.65 -5.81 23.42
C GLY A 134 27.00 -4.57 22.85
N ILE A 135 25.74 -4.38 23.22
CA ILE A 135 24.98 -3.27 22.67
C ILE A 135 25.53 -1.95 23.18
N LEU A 136 25.76 -1.87 24.49
CA LEU A 136 26.31 -0.64 25.07
C LEU A 136 27.77 -0.43 24.67
N SER A 137 28.50 -1.49 24.33
CA SER A 137 29.90 -1.36 23.90
C SER A 137 30.08 -0.91 22.44
N HIS A 138 29.24 -1.39 21.52
CA HIS A 138 29.46 -1.11 20.12
C HIS A 138 28.31 -0.42 19.43
N GLY A 139 27.25 -0.14 20.18
CA GLY A 139 26.01 0.32 19.58
C GLY A 139 25.26 -0.82 18.88
N LEU A 140 24.03 -0.53 18.45
CA LEU A 140 23.22 -1.53 17.81
C LEU A 140 23.74 -1.82 16.41
N ARG A 141 23.88 -3.10 16.10
CA ARG A 141 24.34 -3.54 14.78
C ARG A 141 23.20 -4.05 13.91
N ILE A 142 23.39 -4.05 12.60
CA ILE A 142 22.38 -4.68 11.79
C ILE A 142 22.53 -6.18 12.01
N ALA A 143 21.47 -6.92 11.71
CA ALA A 143 21.43 -8.37 11.90
C ALA A 143 22.59 -9.02 11.17
N PRO A 144 23.27 -9.98 11.84
CA PRO A 144 24.47 -10.64 11.31
C PRO A 144 24.29 -11.14 9.88
N PRO A 145 25.35 -11.04 9.03
CA PRO A 145 25.30 -11.31 7.58
C PRO A 145 25.15 -12.79 7.23
N GLU A 146 25.61 -13.67 8.12
CA GLU A 146 25.39 -15.10 7.98
C GLU A 146 24.01 -15.38 8.57
N ALA A 147 23.01 -15.12 7.73
CA ALA A 147 21.62 -15.20 8.14
C ALA A 147 21.16 -16.64 8.36
N PRO A 148 20.04 -16.82 9.08
CA PRO A 148 19.43 -18.15 9.02
C PRO A 148 19.01 -18.40 7.58
N ILE A 149 18.74 -19.64 7.22
CA ILE A 149 18.56 -19.98 5.81
C ILE A 149 17.24 -19.43 5.21
N THR A 150 16.24 -19.18 6.05
CA THR A 150 15.00 -18.52 5.59
C THR A 150 15.21 -17.01 5.35
N GLY A 151 16.17 -16.43 6.06
CA GLY A 151 16.34 -14.99 6.09
C GLY A 151 15.77 -14.33 7.35
N TYR A 152 15.90 -13.02 7.43
CA TYR A 152 15.28 -12.26 8.50
C TYR A 152 13.94 -11.78 8.01
N MET A 153 13.04 -11.48 8.96
CA MET A 153 11.67 -11.16 8.63
C MET A 153 11.54 -9.95 7.73
N PHE A 154 12.40 -8.96 7.94
CA PHE A 154 12.42 -7.75 7.13
C PHE A 154 13.82 -7.35 6.76
N GLY A 155 14.64 -8.35 6.48
CA GLY A 155 16.01 -8.12 6.03
C GLY A 155 17.01 -7.83 7.14
N LYS A 156 18.25 -7.58 6.73
CA LYS A 156 19.36 -7.39 7.65
C LYS A 156 19.41 -5.95 8.10
N GLY A 157 18.63 -5.60 9.11
CA GLY A 157 18.63 -4.24 9.61
C GLY A 157 18.65 -4.21 11.11
N ILE A 158 18.29 -3.06 11.68
CA ILE A 158 18.06 -2.91 13.11
C ILE A 158 16.57 -2.70 13.34
N TYR A 159 15.98 -3.48 14.25
CA TYR A 159 14.54 -3.52 14.45
C TYR A 159 14.07 -2.75 15.70
N PHE A 160 12.95 -2.02 15.59
CA PHE A 160 12.39 -1.26 16.72
C PHE A 160 10.86 -1.42 16.81
N ALA A 161 10.27 -1.13 17.95
CA ALA A 161 8.81 -1.17 18.05
C ALA A 161 8.29 0.15 18.59
N ASP A 162 7.01 0.45 18.41
CA ASP A 162 6.42 1.59 19.11
C ASP A 162 5.52 1.11 20.21
N MET A 163 5.39 -0.20 20.36
CA MET A 163 4.68 -0.76 21.49
C MET A 163 5.72 -1.35 22.43
N SER A 164 5.79 -0.81 23.65
CA SER A 164 6.81 -1.20 24.61
C SER A 164 6.78 -2.70 24.83
N SER A 165 5.59 -3.28 24.84
CA SER A 165 5.50 -4.68 25.20
C SER A 165 5.85 -5.57 24.01
N LYS A 166 5.77 -5.02 22.80
CA LYS A 166 6.27 -5.78 21.67
C LYS A 166 7.77 -5.99 21.79
N SER A 167 8.52 -4.93 22.09
CA SER A 167 9.98 -5.04 22.32
C SER A 167 10.30 -5.87 23.56
N ALA A 168 9.56 -5.65 24.65
CA ALA A 168 9.87 -6.34 25.91
C ALA A 168 9.75 -7.87 25.77
N ASN A 169 8.88 -8.34 24.87
CA ASN A 169 8.79 -9.78 24.64
C ASN A 169 10.09 -10.32 24.05
N TYR A 170 10.95 -9.43 23.55
CA TYR A 170 12.27 -9.81 23.07
C TYR A 170 13.33 -9.81 24.17
N CYS A 171 12.94 -9.56 25.42
CA CYS A 171 13.85 -9.61 26.56
C CYS A 171 13.98 -11.02 27.16
N PHE A 172 13.02 -11.86 26.86
CA PHE A 172 12.99 -13.22 27.33
C PHE A 172 13.14 -13.26 28.84
N ALA A 173 12.37 -12.42 29.49
CA ALA A 173 12.29 -12.39 30.93
C ALA A 173 11.38 -13.53 31.41
N SER A 174 11.57 -13.92 32.67
CA SER A 174 10.82 -15.00 33.29
C SER A 174 10.42 -14.59 34.69
N ARG A 175 9.65 -15.43 35.38
CA ARG A 175 9.21 -15.14 36.74
C ARG A 175 10.40 -15.03 37.69
N LEU A 176 11.44 -15.80 37.40
CA LEU A 176 12.63 -15.81 38.22
C LEU A 176 13.52 -14.67 37.81
N LYS A 177 13.80 -14.60 36.52
CA LYS A 177 14.58 -13.50 35.97
C LYS A 177 13.62 -12.40 35.50
N ASN A 178 13.03 -11.67 36.44
CA ASN A 178 11.98 -10.70 36.12
C ASN A 178 12.46 -9.22 36.03
N THR A 179 13.78 -9.04 35.88
CA THR A 179 14.33 -7.72 35.63
C THR A 179 14.99 -7.74 34.26
N GLY A 180 14.62 -6.79 33.41
CA GLY A 180 15.17 -6.70 32.07
C GLY A 180 15.41 -5.26 31.68
N LEU A 181 15.89 -5.02 30.47
CA LEU A 181 16.14 -3.65 30.05
C LEU A 181 15.43 -3.31 28.74
N LEU A 182 14.95 -2.08 28.62
CA LEU A 182 14.47 -1.63 27.34
C LEU A 182 15.29 -0.45 26.94
N LEU A 183 15.62 -0.41 25.66
CA LEU A 183 16.41 0.65 25.09
C LEU A 183 15.49 1.60 24.31
N LEU A 184 15.61 2.89 24.58
CA LEU A 184 14.95 3.94 23.80
C LEU A 184 15.96 4.65 22.92
N SER A 185 15.65 4.77 21.63
CA SER A 185 16.59 5.39 20.68
C SER A 185 15.96 6.36 19.70
N GLU A 186 16.67 7.44 19.39
CA GLU A 186 16.21 8.29 18.31
C GLU A 186 16.49 7.51 17.01
N VAL A 187 15.47 7.36 16.19
CA VAL A 187 15.61 6.60 14.95
C VAL A 187 15.19 7.47 13.77
N ALA A 188 16.15 7.79 12.91
CA ALA A 188 15.89 8.53 11.69
C ALA A 188 15.24 7.64 10.67
N LEU A 189 13.91 7.68 10.59
CA LEU A 189 13.21 6.79 9.69
C LEU A 189 13.17 7.32 8.30
N GLY A 190 13.18 8.65 8.14
CA GLY A 190 13.05 9.25 6.81
C GLY A 190 11.77 8.80 6.14
N GLN A 191 11.85 8.41 4.88
CA GLN A 191 10.70 7.88 4.15
C GLN A 191 10.56 6.38 4.39
N CYS A 192 9.38 5.98 4.84
CA CYS A 192 9.12 4.57 5.12
C CYS A 192 8.55 3.86 3.95
N ASN A 193 9.09 2.69 3.69
CA ASN A 193 8.46 1.78 2.78
C ASN A 193 7.53 0.97 3.65
N GLU A 194 6.22 1.16 3.48
CA GLU A 194 5.24 0.48 4.31
C GLU A 194 4.95 -0.89 3.72
N LEU A 195 4.98 -1.91 4.56
CA LEU A 195 4.72 -3.29 4.12
C LEU A 195 3.69 -4.02 4.99
N LEU A 196 2.83 -4.83 4.35
CA LEU A 196 1.79 -5.55 5.08
C LEU A 196 2.22 -6.89 5.64
N GLU A 197 3.11 -7.59 4.95
CA GLU A 197 3.61 -8.87 5.47
C GLU A 197 5.14 -8.99 5.48
N ALA A 198 5.65 -10.07 6.07
CA ALA A 198 7.10 -10.26 6.20
C ALA A 198 7.73 -10.43 4.85
N ASN A 199 8.95 -9.92 4.70
CA ASN A 199 9.65 -9.99 3.44
C ASN A 199 11.15 -9.80 3.62
N PRO A 200 11.91 -10.89 3.50
CA PRO A 200 13.36 -10.92 3.67
C PRO A 200 14.07 -9.96 2.70
N LYS A 201 13.38 -9.62 1.62
CA LYS A 201 13.96 -8.76 0.59
C LYS A 201 13.60 -7.31 0.79
N ALA A 202 13.22 -6.97 2.02
CA ALA A 202 12.71 -5.63 2.33
C ALA A 202 13.70 -4.49 2.04
N GLU A 203 14.99 -4.74 2.24
CA GLU A 203 16.01 -3.70 2.04
C GLU A 203 16.05 -3.35 0.56
N GLY A 204 15.86 -4.37 -0.25
CA GLY A 204 15.84 -4.18 -1.68
C GLY A 204 14.63 -3.38 -2.09
N LEU A 205 13.52 -3.55 -1.38
CA LEU A 205 12.28 -2.91 -1.81
C LEU A 205 12.22 -1.42 -1.53
N LEU A 206 13.27 -0.92 -0.89
CA LEU A 206 13.37 0.48 -0.46
C LEU A 206 13.35 1.50 -1.58
N GLN A 207 14.05 1.18 -2.67
CA GLN A 207 14.18 2.06 -3.82
C GLN A 207 14.36 3.52 -3.44
N GLY A 208 15.37 3.78 -2.62
CA GLY A 208 15.71 5.15 -2.30
C GLY A 208 15.15 5.65 -0.99
N LYS A 209 14.12 4.99 -0.47
CA LYS A 209 13.58 5.37 0.83
C LYS A 209 14.52 4.86 1.92
N HIS A 210 14.33 5.34 3.14
CA HIS A 210 15.36 5.20 4.15
C HIS A 210 15.09 4.14 5.19
N SER A 211 13.90 3.53 5.16
CA SER A 211 13.55 2.48 6.10
C SER A 211 12.30 1.66 5.71
N THR A 212 12.13 0.51 6.37
CA THR A 212 10.92 -0.27 6.21
C THR A 212 10.01 -0.09 7.42
N LYS A 213 8.71 0.03 7.19
CA LYS A 213 7.77 0.00 8.30
C LYS A 213 6.74 -1.11 8.05
N GLY A 214 6.79 -2.16 8.86
CA GLY A 214 5.83 -3.25 8.78
C GLY A 214 4.56 -2.83 9.45
N LEU A 215 3.42 -2.86 8.77
CA LEU A 215 2.19 -2.27 9.33
C LEU A 215 1.40 -3.20 10.23
N GLY A 216 0.98 -2.71 11.41
CA GLY A 216 0.21 -3.55 12.33
C GLY A 216 -1.24 -3.16 12.43
N LYS A 217 -2.07 -4.09 12.89
CA LYS A 217 -3.50 -3.84 13.12
C LYS A 217 -3.69 -2.68 14.08
N MET A 218 -2.71 -2.46 14.95
CA MET A 218 -2.82 -1.44 15.97
C MET A 218 -1.55 -0.65 16.23
N ALA A 219 -1.72 0.63 16.52
CA ALA A 219 -0.59 1.51 16.77
C ALA A 219 -1.00 2.78 17.46
N PRO A 220 -0.04 3.44 18.11
CA PRO A 220 -0.30 4.81 18.56
C PRO A 220 -0.66 5.73 17.38
N SER A 221 -1.58 6.62 17.62
CA SER A 221 -1.98 7.57 16.59
C SER A 221 -1.49 8.99 16.96
N SER A 222 -1.21 9.77 15.92
CA SER A 222 -0.52 11.06 16.05
C SER A 222 -1.15 12.05 17.02
N ALA A 223 -2.45 11.91 17.21
CA ALA A 223 -3.20 12.77 18.11
C ALA A 223 -2.60 12.87 19.52
N HIS A 224 -2.02 11.79 20.02
CA HIS A 224 -1.49 11.80 21.39
C HIS A 224 0.03 11.93 21.38
N PHE A 225 0.60 12.13 20.19
CA PHE A 225 2.06 12.24 20.06
C PHE A 225 2.60 13.45 20.79
N VAL A 226 3.89 13.39 21.07
CA VAL A 226 4.53 14.41 21.87
C VAL A 226 5.99 14.59 21.40
N THR A 227 6.61 15.70 21.78
CA THR A 227 8.00 15.86 21.36
C THR A 227 8.95 15.88 22.57
N LEU A 228 10.03 15.10 22.45
CA LEU A 228 11.08 15.11 23.47
C LEU A 228 12.44 15.27 22.80
N ASN A 229 13.03 16.45 23.01
CA ASN A 229 14.36 16.79 22.49
C ASN A 229 14.53 16.51 21.00
N GLY A 230 13.51 16.85 20.22
CA GLY A 230 13.63 16.78 18.77
C GLY A 230 13.22 15.46 18.12
N SER A 231 12.67 14.56 18.92
CA SER A 231 12.17 13.31 18.40
C SER A 231 10.73 13.17 18.79
N THR A 232 9.91 12.72 17.85
CA THR A 232 8.51 12.39 18.15
C THR A 232 8.42 11.16 19.07
N VAL A 233 7.62 11.25 20.13
CA VAL A 233 7.39 10.10 21.01
C VAL A 233 5.96 9.61 20.87
N PRO A 234 5.75 8.46 20.20
CA PRO A 234 4.39 8.06 19.89
C PRO A 234 3.67 7.47 21.08
N LEU A 235 3.13 8.35 21.91
CA LEU A 235 2.46 7.96 23.15
C LEU A 235 1.18 7.20 22.84
N GLY A 236 0.77 6.31 23.73
CA GLY A 236 -0.47 5.59 23.56
C GLY A 236 -1.63 6.46 24.00
N PRO A 237 -2.84 5.91 24.01
CA PRO A 237 -3.17 4.51 23.74
C PRO A 237 -3.15 4.12 22.27
N ALA A 238 -2.95 2.84 21.99
CA ALA A 238 -3.03 2.32 20.63
C ALA A 238 -4.49 2.24 20.16
N SER A 239 -4.69 2.42 18.86
CA SER A 239 -6.00 2.18 18.31
C SER A 239 -5.89 1.38 17.03
N ASP A 240 -7.04 0.86 16.59
CA ASP A 240 -7.14 0.11 15.36
C ASP A 240 -6.68 0.99 14.20
N THR A 241 -5.86 0.43 13.31
CA THR A 241 -5.37 1.14 12.14
C THR A 241 -6.17 0.73 10.88
N GLY A 242 -7.09 -0.21 11.03
CA GLY A 242 -7.88 -0.64 9.89
C GLY A 242 -7.08 -1.38 8.83
N ILE A 243 -5.88 -1.79 9.20
CA ILE A 243 -5.04 -2.47 8.26
C ILE A 243 -5.37 -3.95 8.22
N LEU A 244 -5.51 -4.51 7.02
CA LEU A 244 -5.64 -5.95 6.91
C LEU A 244 -4.85 -6.44 5.71
N ASN A 245 -4.12 -7.54 5.89
CA ASN A 245 -3.41 -8.15 4.78
C ASN A 245 -4.33 -9.06 4.00
N PRO A 246 -4.55 -8.73 2.71
CA PRO A 246 -5.44 -9.47 1.80
C PRO A 246 -4.93 -10.87 1.45
N ASP A 247 -3.72 -11.19 1.89
CA ASP A 247 -3.06 -12.44 1.55
C ASP A 247 -3.04 -13.41 2.71
N GLY A 248 -2.29 -13.07 3.74
CA GLY A 248 -2.16 -13.91 4.90
C GLY A 248 -2.28 -13.13 6.19
N TYR A 249 -1.44 -13.53 7.15
CA TYR A 249 -1.41 -12.94 8.49
C TYR A 249 -0.89 -11.50 8.49
N THR A 250 -1.63 -10.65 9.19
CA THR A 250 -1.21 -9.27 9.39
C THR A 250 -0.65 -9.06 10.81
N LEU A 251 0.45 -8.33 10.89
CA LEU A 251 1.15 -8.02 12.15
C LEU A 251 0.22 -7.37 13.15
N ASN A 252 0.41 -7.68 14.43
CA ASN A 252 -0.41 -7.07 15.47
C ASN A 252 -0.02 -5.61 15.68
N TYR A 253 1.29 -5.34 15.67
CA TYR A 253 1.80 -4.01 15.92
C TYR A 253 2.90 -3.67 14.89
N ASN A 254 3.12 -2.39 14.61
CA ASN A 254 4.17 -1.94 13.70
C ASN A 254 5.56 -2.48 14.08
N GLU A 255 6.44 -2.64 13.08
CA GLU A 255 7.88 -2.66 13.35
C GLU A 255 8.57 -1.71 12.38
N TYR A 256 9.66 -1.13 12.83
CA TYR A 256 10.42 -0.18 12.05
C TYR A 256 11.83 -0.76 11.88
N ILE A 257 12.37 -0.69 10.67
CA ILE A 257 13.65 -1.29 10.38
C ILE A 257 14.52 -0.31 9.61
N VAL A 258 15.70 -0.03 10.14
CA VAL A 258 16.68 0.78 9.42
C VAL A 258 17.88 -0.06 9.11
N TYR A 259 18.56 0.25 8.00
CA TYR A 259 19.61 -0.65 7.49
C TYR A 259 21.04 -0.09 7.59
N ASN A 260 21.19 1.03 8.30
CA ASN A 260 22.48 1.64 8.58
C ASN A 260 22.47 2.11 10.02
N PRO A 261 23.48 1.71 10.80
CA PRO A 261 23.52 2.11 12.21
C PRO A 261 23.54 3.62 12.42
N ASN A 262 23.84 4.41 11.40
CA ASN A 262 23.85 5.87 11.58
C ASN A 262 22.45 6.49 11.55
N GLN A 263 21.43 5.64 11.41
CA GLN A 263 20.05 6.09 11.61
C GLN A 263 19.56 5.85 13.05
N VAL A 264 20.48 5.50 13.93
CA VAL A 264 20.17 5.16 15.32
C VAL A 264 21.02 5.95 16.28
N ARG A 265 20.41 6.47 17.32
CA ARG A 265 21.16 7.12 18.39
C ARG A 265 20.53 6.74 19.72
N MET A 266 21.22 5.90 20.49
CA MET A 266 20.71 5.48 21.79
C MET A 266 20.54 6.70 22.70
N ARG A 267 19.49 6.73 23.52
CA ARG A 267 19.28 7.85 24.44
C ARG A 267 18.93 7.38 25.86
N TYR A 268 18.04 6.39 25.98
CA TYR A 268 17.61 5.96 27.31
C TYR A 268 17.69 4.47 27.52
N LEU A 269 17.96 4.08 28.77
CA LEU A 269 18.01 2.69 29.13
C LEU A 269 17.15 2.49 30.35
N LEU A 270 16.07 1.74 30.19
CA LEU A 270 15.12 1.51 31.25
C LEU A 270 15.46 0.20 31.92
N LYS A 271 15.53 0.21 33.24
CA LYS A 271 15.61 -1.00 34.03
C LYS A 271 14.19 -1.31 34.49
N VAL A 272 13.62 -2.38 33.98
CA VAL A 272 12.17 -2.62 34.10
C VAL A 272 11.85 -3.95 34.79
N GLN A 273 10.80 -3.94 35.60
CA GLN A 273 10.40 -5.13 36.32
C GLN A 273 9.19 -5.75 35.67
N PHE A 274 9.25 -7.05 35.40
CA PHE A 274 8.13 -7.75 34.80
C PHE A 274 7.27 -8.40 35.89
N ASN A 275 5.99 -8.08 35.93
CA ASN A 275 5.09 -8.68 36.90
C ASN A 275 4.16 -9.62 36.17
N PHE A 276 4.41 -10.92 36.27
CA PHE A 276 3.58 -11.90 35.59
C PHE A 276 2.30 -12.15 36.38
N LEU A 277 1.20 -12.46 35.68
CA LEU A 277 -0.07 -12.65 36.36
C LEU A 277 -0.17 -14.07 36.87
N GLN A 278 -1.14 -14.31 37.77
CA GLN A 278 -1.36 -15.56 38.50
C GLN A 278 -0.17 -16.55 38.49
N PRO B 21 51.10 1.67 8.10
CA PRO B 21 50.86 3.00 7.54
C PRO B 21 49.37 3.32 7.38
N GLU B 22 48.94 4.52 7.76
CA GLU B 22 47.52 4.81 7.71
C GLU B 22 47.15 5.59 6.44
N SER B 23 46.04 5.19 5.83
CA SER B 23 45.60 5.74 4.55
C SER B 23 45.11 7.17 4.71
N GLN B 24 45.31 7.99 3.67
CA GLN B 24 44.93 9.39 3.74
C GLN B 24 43.65 9.67 3.00
N LEU B 25 43.07 8.60 2.47
CA LEU B 25 41.83 8.66 1.71
C LEU B 25 40.62 8.43 2.62
N ASP B 26 39.52 9.10 2.29
CA ASP B 26 38.23 8.91 2.93
C ASP B 26 37.89 7.40 2.93
N LEU B 27 37.29 6.91 4.02
CA LEU B 27 37.04 5.46 4.16
C LEU B 27 36.23 4.91 2.98
N ARG B 28 35.36 5.76 2.46
CA ARG B 28 34.47 5.42 1.36
C ARG B 28 35.25 5.29 0.05
N VAL B 29 36.26 6.15 -0.15
CA VAL B 29 37.15 6.05 -1.31
C VAL B 29 38.08 4.83 -1.15
N GLN B 30 38.45 4.53 0.09
CA GLN B 30 39.21 3.33 0.36
C GLN B 30 38.44 2.14 -0.19
N GLU B 31 37.14 2.09 0.14
CA GLU B 31 36.25 0.99 -0.25
C GLU B 31 36.05 0.93 -1.75
N LEU B 32 35.97 2.08 -2.37
CA LEU B 32 35.85 2.13 -3.81
C LEU B 32 37.06 1.49 -4.45
N ILE B 33 38.25 1.88 -4.02
CA ILE B 33 39.49 1.42 -4.62
C ILE B 33 39.70 -0.08 -4.45
N LYS B 34 39.44 -0.60 -3.25
CA LYS B 34 39.52 -2.05 -3.02
C LYS B 34 38.65 -2.84 -4.01
N LEU B 35 37.47 -2.30 -4.30
CA LEU B 35 36.51 -2.96 -5.17
C LEU B 35 37.01 -3.04 -6.60
N ILE B 36 37.46 -1.90 -7.15
CA ILE B 36 37.92 -1.89 -8.55
C ILE B 36 39.41 -2.18 -8.83
N CYS B 37 40.25 -2.35 -7.80
CA CYS B 37 41.69 -2.57 -8.02
C CYS B 37 42.21 -3.92 -7.53
N ASN B 38 43.42 -4.25 -7.95
CA ASN B 38 43.99 -5.53 -7.61
C ASN B 38 45.06 -5.41 -6.51
N LEU B 48 58.65 -4.42 4.12
CA LEU B 48 57.25 -4.59 3.73
C LEU B 48 56.36 -3.39 4.09
N GLN B 49 56.71 -2.67 5.16
CA GLN B 49 55.85 -1.59 5.63
C GLN B 49 56.46 -0.19 5.45
N SER B 50 56.00 0.47 4.38
CA SER B 50 56.44 1.80 3.98
C SER B 50 55.64 2.89 4.71
N PRO B 51 55.92 4.20 4.43
CA PRO B 51 55.06 5.25 5.01
C PRO B 51 53.79 5.45 4.19
N GLU B 52 53.65 4.71 3.10
CA GLU B 52 52.52 4.91 2.22
C GLU B 52 51.65 3.65 2.10
N HIS B 53 50.37 3.81 2.39
CA HIS B 53 49.42 2.72 2.27
C HIS B 53 49.26 2.32 0.80
N PRO B 54 49.26 1.01 0.50
CA PRO B 54 49.12 0.51 -0.88
C PRO B 54 47.87 1.03 -1.63
N LEU B 55 46.79 1.32 -0.90
CA LEU B 55 45.57 1.90 -1.50
C LEU B 55 45.83 3.26 -2.12
N ASP B 56 46.55 4.11 -1.40
CA ASP B 56 46.79 5.47 -1.82
C ASP B 56 47.64 5.48 -3.11
N GLN B 57 48.45 4.44 -3.29
CA GLN B 57 49.26 4.24 -4.49
C GLN B 57 48.35 4.00 -5.70
N HIS B 58 47.44 3.05 -5.56
CA HIS B 58 46.48 2.72 -6.61
C HIS B 58 45.62 3.91 -6.98
N TYR B 59 45.12 4.62 -5.99
CA TYR B 59 44.30 5.81 -6.24
C TYR B 59 45.07 6.89 -7.03
N ARG B 60 46.34 7.06 -6.70
CA ARG B 60 47.20 8.05 -7.34
C ARG B 60 47.40 7.66 -8.81
N ASN B 61 47.52 6.37 -9.07
CA ASN B 61 47.78 5.90 -10.43
C ASN B 61 46.55 5.97 -11.34
N LEU B 62 45.42 6.46 -10.82
CA LEU B 62 44.24 6.67 -11.66
C LEU B 62 44.32 8.01 -12.35
N HIS B 63 45.02 8.93 -11.69
CA HIS B 63 45.12 10.30 -12.12
C HIS B 63 43.72 10.85 -12.25
N CYS B 64 42.94 10.63 -11.22
CA CYS B 64 41.53 10.92 -11.28
C CYS B 64 41.02 11.27 -9.91
N ALA B 65 40.56 12.50 -9.74
CA ALA B 65 39.96 12.91 -8.48
C ALA B 65 38.65 12.14 -8.28
N LEU B 66 38.46 11.64 -7.07
CA LEU B 66 37.24 10.96 -6.67
C LEU B 66 36.82 11.48 -5.30
N ARG B 67 35.90 12.43 -5.28
CA ARG B 67 35.47 13.00 -4.01
C ARG B 67 34.05 12.57 -3.60
N PRO B 68 33.96 11.86 -2.48
CA PRO B 68 32.68 11.39 -1.94
C PRO B 68 31.76 12.54 -1.56
N LEU B 69 30.45 12.33 -1.80
CA LEU B 69 29.43 13.31 -1.41
C LEU B 69 28.62 12.77 -0.28
N ASP B 70 28.02 13.70 0.42
CA ASP B 70 27.22 13.37 1.55
C ASP B 70 25.82 13.00 1.09
N HIS B 71 25.30 11.95 1.72
CA HIS B 71 23.96 11.44 1.48
C HIS B 71 22.92 12.52 1.74
N GLU B 72 23.38 13.66 2.23
CA GLU B 72 22.54 14.77 2.62
C GLU B 72 22.57 15.89 1.57
N SER B 73 23.57 15.84 0.70
CA SER B 73 23.77 16.89 -0.28
C SER B 73 22.68 16.96 -1.33
N TYR B 74 22.46 18.15 -1.87
CA TYR B 74 21.50 18.33 -2.95
C TYR B 74 21.82 17.39 -4.13
N GLU B 75 23.10 17.27 -4.45
CA GLU B 75 23.53 16.46 -5.59
C GLU B 75 23.19 14.98 -5.38
N PHE B 76 23.33 14.49 -4.15
CA PHE B 76 22.93 13.13 -3.84
C PHE B 76 21.40 12.97 -4.00
N LYS B 77 20.64 13.98 -3.62
CA LYS B 77 19.18 13.87 -3.62
C LYS B 77 18.67 13.80 -5.05
N VAL B 78 19.25 14.63 -5.91
CA VAL B 78 18.94 14.66 -7.34
C VAL B 78 19.40 13.36 -8.02
N ILE B 79 20.62 12.95 -7.76
CA ILE B 79 21.16 11.79 -8.45
C ILE B 79 20.49 10.54 -7.96
N SER B 80 20.20 10.47 -6.66
CA SER B 80 19.45 9.32 -6.18
C SER B 80 18.11 9.26 -6.90
N GLN B 81 17.48 10.41 -7.14
CA GLN B 81 16.17 10.36 -7.80
C GLN B 81 16.32 10.01 -9.28
N TYR B 82 17.41 10.45 -9.88
CA TYR B 82 17.72 10.10 -11.25
C TYR B 82 17.78 8.56 -11.38
N LEU B 83 18.55 7.96 -10.47
CA LEU B 83 18.77 6.53 -10.44
C LEU B 83 17.46 5.79 -10.32
N GLN B 84 16.56 6.23 -9.44
CA GLN B 84 15.31 5.48 -9.21
C GLN B 84 14.18 5.81 -10.18
N SER B 85 14.06 7.06 -10.59
CA SER B 85 12.94 7.40 -11.43
C SER B 85 13.20 6.92 -12.85
N THR B 86 14.41 6.50 -13.17
CA THR B 86 14.68 6.00 -14.51
C THR B 86 15.08 4.54 -14.52
N HIS B 87 14.79 3.85 -13.43
CA HIS B 87 14.76 2.38 -13.48
C HIS B 87 13.55 1.92 -14.34
N ALA B 88 13.85 1.27 -15.44
CA ALA B 88 12.85 0.93 -16.44
C ALA B 88 11.80 -0.05 -15.92
N PRO B 89 10.53 0.15 -16.30
CA PRO B 89 9.41 -0.72 -15.89
C PRO B 89 9.62 -2.16 -16.28
N THR B 90 10.30 -2.42 -17.40
CA THR B 90 10.54 -3.77 -17.92
C THR B 90 11.79 -4.42 -17.36
N HIS B 91 12.46 -3.74 -16.46
CA HIS B 91 13.61 -4.32 -15.76
C HIS B 91 13.22 -4.64 -14.33
N SER B 92 12.16 -5.42 -14.16
CA SER B 92 11.58 -5.61 -12.82
C SER B 92 12.27 -6.71 -12.04
N ASP B 93 13.21 -7.40 -12.67
CA ASP B 93 13.86 -8.52 -12.03
C ASP B 93 14.89 -8.10 -10.96
N TYR B 94 15.11 -6.80 -10.78
CA TYR B 94 15.98 -6.29 -9.71
C TYR B 94 15.70 -4.81 -9.32
N THR B 95 16.21 -4.39 -8.18
CA THR B 95 16.18 -3.00 -7.77
C THR B 95 17.59 -2.60 -7.47
N MET B 96 17.80 -1.30 -7.31
CA MET B 96 19.14 -0.81 -7.05
C MET B 96 19.26 0.01 -5.78
N THR B 97 20.36 -0.17 -5.09
CA THR B 97 20.63 0.64 -3.92
C THR B 97 21.86 1.52 -4.15
N LEU B 98 21.71 2.81 -3.88
CA LEU B 98 22.80 3.75 -3.97
C LEU B 98 23.56 3.71 -2.66
N LEU B 99 24.68 3.01 -2.67
CA LEU B 99 25.53 2.86 -1.50
C LEU B 99 26.37 4.11 -1.29
N ASP B 100 27.11 4.51 -2.32
CA ASP B 100 28.02 5.65 -2.19
C ASP B 100 28.07 6.40 -3.51
N LEU B 101 28.19 7.72 -3.44
CA LEU B 101 28.29 8.56 -4.63
C LEU B 101 29.61 9.35 -4.61
N PHE B 102 30.27 9.44 -5.77
CA PHE B 102 31.55 10.13 -5.87
C PHE B 102 31.54 11.16 -6.95
N GLU B 103 32.29 12.23 -6.71
CA GLU B 103 32.50 13.27 -7.69
C GLU B 103 33.77 12.91 -8.44
N VAL B 104 33.68 12.93 -9.77
CA VAL B 104 34.80 12.56 -10.62
C VAL B 104 35.36 13.78 -11.32
N GLU B 105 36.66 13.99 -11.20
CA GLU B 105 37.34 14.99 -12.01
C GLU B 105 38.59 14.39 -12.63
N LYS B 106 38.49 14.11 -13.92
CA LYS B 106 39.61 13.62 -14.73
C LYS B 106 40.44 14.79 -15.22
N ASP B 107 41.73 14.78 -14.91
CA ASP B 107 42.60 15.89 -15.33
C ASP B 107 42.62 15.92 -16.85
N GLY B 108 42.50 17.13 -17.40
CA GLY B 108 42.51 17.31 -18.83
C GLY B 108 41.15 17.28 -19.53
N GLU B 109 40.20 16.53 -18.95
CA GLU B 109 38.85 16.38 -19.52
C GLU B 109 38.07 17.68 -19.50
N LYS B 110 38.29 18.47 -18.46
CA LYS B 110 37.59 19.74 -18.31
C LYS B 110 37.90 20.69 -19.47
N GLU B 111 39.17 20.76 -19.87
CA GLU B 111 39.62 21.62 -20.97
C GLU B 111 39.28 21.08 -22.37
N ALA B 112 39.48 19.79 -22.57
CA ALA B 112 39.28 19.16 -23.89
C ALA B 112 37.83 19.12 -24.33
N PHE B 113 36.91 19.27 -23.38
CA PHE B 113 35.49 19.06 -23.61
C PHE B 113 34.89 20.09 -24.57
N ARG B 114 34.04 19.63 -25.47
CA ARG B 114 33.33 20.54 -26.38
C ARG B 114 32.23 21.31 -25.67
N GLU B 115 32.60 22.36 -24.93
CA GLU B 115 31.65 23.16 -24.17
C GLU B 115 30.77 23.99 -25.12
N ASP B 116 31.25 24.18 -26.34
CA ASP B 116 30.53 24.93 -27.35
C ASP B 116 29.19 24.30 -27.72
N LEU B 117 29.15 22.97 -27.79
CA LEU B 117 27.95 22.25 -28.24
C LEU B 117 26.77 22.32 -27.28
N HIS B 118 25.60 22.45 -27.87
CA HIS B 118 24.34 22.47 -27.13
C HIS B 118 23.88 21.03 -26.82
N ASN B 119 22.70 20.89 -26.23
CA ASN B 119 22.18 19.60 -25.75
C ASN B 119 23.14 18.89 -24.83
N ARG B 120 23.62 19.60 -23.82
CA ARG B 120 24.51 18.92 -22.90
C ARG B 120 23.65 18.25 -21.84
N MET B 121 23.72 16.92 -21.82
CA MET B 121 22.91 16.08 -20.93
C MET B 121 23.79 15.29 -20.01
N LEU B 122 23.29 15.03 -18.81
CA LEU B 122 23.97 14.13 -17.89
C LEU B 122 23.46 12.70 -18.06
N LEU B 123 24.31 11.81 -18.58
CA LEU B 123 23.92 10.45 -19.00
C LEU B 123 24.63 9.25 -18.33
N TRP B 124 23.96 8.09 -18.38
CA TRP B 124 24.42 6.87 -17.68
C TRP B 124 25.39 6.04 -18.48
N HIS B 125 26.39 5.46 -17.80
CA HIS B 125 27.22 4.45 -18.46
C HIS B 125 27.60 3.34 -17.50
N GLY B 126 27.28 2.10 -17.88
CA GLY B 126 27.63 0.92 -17.09
C GLY B 126 28.64 0.04 -17.79
N SER B 127 29.40 -0.73 -17.02
CA SER B 127 30.42 -1.59 -17.60
C SER B 127 30.91 -2.67 -16.65
N ARG B 128 31.57 -3.71 -17.15
CA ARG B 128 32.13 -4.74 -16.28
C ARG B 128 33.10 -4.15 -15.24
N MET B 129 33.24 -4.82 -14.09
CA MET B 129 34.13 -4.36 -13.03
C MET B 129 35.56 -4.16 -13.46
N SER B 130 36.04 -5.06 -14.32
CA SER B 130 37.42 -5.10 -14.75
C SER B 130 37.79 -3.88 -15.58
N ASN B 131 36.77 -3.14 -16.01
CA ASN B 131 37.00 -2.03 -16.92
C ASN B 131 37.13 -0.67 -16.23
N TRP B 132 36.78 -0.57 -14.94
CA TRP B 132 36.72 0.74 -14.28
C TRP B 132 38.11 1.35 -14.03
N VAL B 133 39.13 0.53 -13.79
CA VAL B 133 40.49 1.04 -13.73
C VAL B 133 40.85 1.69 -15.08
N GLY B 134 40.56 0.98 -16.17
CA GLY B 134 40.83 1.47 -17.50
C GLY B 134 40.10 2.78 -17.76
N ILE B 135 38.83 2.82 -17.35
CA ILE B 135 37.98 3.98 -17.64
C ILE B 135 38.43 5.21 -16.89
N LEU B 136 38.72 5.03 -15.61
CA LEU B 136 39.11 6.15 -14.79
C LEU B 136 40.49 6.69 -15.11
N SER B 137 41.35 5.85 -15.66
CA SER B 137 42.71 6.24 -15.99
C SER B 137 42.83 6.98 -17.32
N HIS B 138 42.08 6.55 -18.33
CA HIS B 138 42.24 7.05 -19.68
C HIS B 138 40.99 7.71 -20.24
N GLY B 139 39.95 7.79 -19.42
CA GLY B 139 38.64 8.26 -19.85
C GLY B 139 37.91 7.23 -20.70
N LEU B 140 36.67 7.52 -21.05
CA LEU B 140 35.90 6.62 -21.88
C LEU B 140 36.42 6.68 -23.31
N ARG B 141 36.66 5.49 -23.89
CA ARG B 141 37.11 5.32 -25.27
C ARG B 141 35.98 4.82 -26.16
N ILE B 142 36.09 5.09 -27.46
CA ILE B 142 35.14 4.57 -28.41
C ILE B 142 35.27 3.04 -28.53
N ALA B 143 34.29 2.41 -29.17
CA ALA B 143 34.27 0.96 -29.29
C ALA B 143 35.53 0.45 -29.99
N PRO B 144 36.20 -0.55 -29.40
CA PRO B 144 37.51 -1.03 -29.89
C PRO B 144 37.40 -1.42 -31.35
N PRO B 145 38.47 -1.17 -32.14
CA PRO B 145 38.44 -1.31 -33.61
C PRO B 145 38.34 -2.77 -34.08
N GLU B 146 38.81 -3.72 -33.28
CA GLU B 146 38.66 -5.13 -33.63
C GLU B 146 37.25 -5.57 -33.19
N ALA B 147 36.29 -5.21 -34.04
CA ALA B 147 34.85 -5.37 -33.81
C ALA B 147 34.28 -6.80 -33.93
N PRO B 148 33.07 -7.02 -33.38
CA PRO B 148 32.28 -8.20 -33.70
C PRO B 148 31.90 -8.19 -35.19
N ILE B 149 31.44 -9.34 -35.69
CA ILE B 149 31.26 -9.52 -37.14
C ILE B 149 30.09 -8.69 -37.73
N THR B 150 29.09 -8.35 -36.91
CA THR B 150 28.02 -7.46 -37.36
C THR B 150 28.53 -6.02 -37.41
N GLY B 151 29.46 -5.72 -36.48
CA GLY B 151 29.85 -4.37 -36.18
C GLY B 151 29.12 -4.02 -34.88
N TYR B 152 29.26 -2.79 -34.43
CA TYR B 152 28.54 -2.33 -33.27
C TYR B 152 27.20 -1.75 -33.71
N MET B 153 26.22 -1.78 -32.82
CA MET B 153 24.85 -1.40 -33.19
C MET B 153 24.75 0.02 -33.81
N PHE B 154 25.60 0.95 -33.40
CA PHE B 154 25.59 2.25 -34.04
C PHE B 154 27.01 2.75 -34.27
N GLY B 155 27.90 1.81 -34.59
CA GLY B 155 29.25 2.15 -34.95
C GLY B 155 30.18 2.35 -33.78
N LYS B 156 31.42 2.72 -34.09
CA LYS B 156 32.46 2.82 -33.08
C LYS B 156 32.43 4.16 -32.37
N GLY B 157 31.61 4.24 -31.33
CA GLY B 157 31.49 5.44 -30.53
C GLY B 157 31.44 5.08 -29.07
N ILE B 158 30.99 6.03 -28.26
CA ILE B 158 30.74 5.79 -26.86
C ILE B 158 29.25 5.79 -26.60
N TYR B 159 28.76 4.75 -25.92
CA TYR B 159 27.33 4.60 -25.77
C TYR B 159 26.85 5.08 -24.40
N PHE B 160 25.70 5.75 -24.39
CA PHE B 160 25.10 6.21 -23.16
C PHE B 160 23.60 5.93 -23.16
N ALA B 161 23.00 5.89 -21.97
CA ALA B 161 21.55 5.74 -21.85
C ALA B 161 21.02 6.79 -20.90
N ASP B 162 19.73 7.10 -20.98
CA ASP B 162 19.07 7.94 -19.97
C ASP B 162 18.22 7.15 -18.99
N MET B 163 18.16 5.82 -19.20
CA MET B 163 17.50 4.97 -18.26
C MET B 163 18.58 4.23 -17.48
N SER B 164 18.66 4.49 -16.17
CA SER B 164 19.71 3.93 -15.32
C SER B 164 19.81 2.43 -15.44
N SER B 165 18.69 1.73 -15.55
CA SER B 165 18.73 0.27 -15.47
C SER B 165 19.13 -0.32 -16.80
N LYS B 166 18.96 0.45 -17.87
CA LYS B 166 19.51 0.07 -19.15
C LYS B 166 21.06 0.06 -19.08
N SER B 167 21.67 1.09 -18.52
CA SER B 167 23.13 1.08 -18.37
C SER B 167 23.59 0.01 -17.42
N ALA B 168 22.82 -0.20 -16.35
CA ALA B 168 23.16 -1.18 -15.30
C ALA B 168 23.23 -2.61 -15.81
N ASN B 169 22.46 -2.96 -16.83
CA ASN B 169 22.52 -4.31 -17.35
C ASN B 169 23.87 -4.60 -17.99
N TYR B 170 24.64 -3.55 -18.25
CA TYR B 170 25.98 -3.73 -18.81
C TYR B 170 27.05 -3.88 -17.75
N CYS B 171 26.66 -3.91 -16.47
CA CYS B 171 27.62 -4.11 -15.38
C CYS B 171 27.84 -5.61 -15.20
N PHE B 172 26.95 -6.40 -15.81
CA PHE B 172 27.00 -7.85 -15.68
C PHE B 172 27.13 -8.25 -14.21
N ALA B 173 26.29 -7.64 -13.38
CA ALA B 173 26.28 -8.00 -11.97
C ALA B 173 25.50 -9.30 -11.79
N SER B 174 25.75 -10.00 -10.69
CA SER B 174 25.06 -11.26 -10.43
C SER B 174 24.61 -11.23 -8.98
N ARG B 175 23.84 -12.24 -8.55
CA ARG B 175 23.31 -12.27 -7.19
C ARG B 175 24.44 -12.39 -6.17
N LEU B 176 25.49 -13.08 -6.53
CA LEU B 176 26.61 -13.29 -5.63
C LEU B 176 27.57 -12.14 -5.73
N LYS B 177 27.94 -11.78 -6.95
CA LYS B 177 28.73 -10.59 -7.23
C LYS B 177 27.78 -9.42 -7.52
N ASN B 178 27.13 -8.90 -6.49
CA ASN B 178 26.07 -7.89 -6.70
C ASN B 178 26.46 -6.42 -6.46
N THR B 179 27.73 -6.09 -6.55
CA THR B 179 28.06 -4.67 -6.49
C THR B 179 28.64 -4.27 -7.82
N GLY B 180 28.18 -3.14 -8.36
CA GLY B 180 28.69 -2.63 -9.62
C GLY B 180 28.81 -1.13 -9.54
N LEU B 181 29.27 -0.50 -10.62
CA LEU B 181 29.36 0.95 -10.68
C LEU B 181 28.60 1.50 -11.89
N LEU B 182 27.98 2.66 -11.74
CA LEU B 182 27.45 3.39 -12.88
C LEU B 182 28.17 4.71 -12.99
N LEU B 183 28.46 5.10 -14.23
CA LEU B 183 29.14 6.34 -14.49
C LEU B 183 28.14 7.38 -15.00
N LEU B 184 28.17 8.58 -14.42
CA LEU B 184 27.41 9.70 -14.97
C LEU B 184 28.34 10.68 -15.66
N SER B 185 28.00 11.08 -16.88
CA SER B 185 28.87 11.97 -17.61
C SER B 185 28.11 13.07 -18.28
N GLU B 186 28.68 14.26 -18.33
CA GLU B 186 28.13 15.29 -19.18
C GLU B 186 28.50 14.86 -20.58
N VAL B 187 27.52 14.82 -21.46
CA VAL B 187 27.72 14.34 -22.81
C VAL B 187 27.31 15.48 -23.74
N ALA B 188 28.24 16.02 -24.51
CA ALA B 188 27.88 17.08 -25.47
C ALA B 188 27.22 16.49 -26.72
N LEU B 189 25.89 16.44 -26.76
CA LEU B 189 25.24 15.79 -27.89
C LEU B 189 25.08 16.66 -29.13
N GLY B 190 24.97 17.98 -28.95
CA GLY B 190 24.77 18.86 -30.09
C GLY B 190 23.53 18.50 -30.86
N GLN B 191 23.65 18.40 -32.19
CA GLN B 191 22.52 17.96 -33.00
C GLN B 191 22.53 16.44 -33.14
N CYS B 192 21.43 15.81 -32.74
CA CYS B 192 21.33 14.35 -32.85
C CYS B 192 20.74 13.92 -34.17
N ASN B 193 21.36 12.91 -34.77
CA ASN B 193 20.76 12.20 -35.86
C ASN B 193 19.97 11.06 -35.24
N GLU B 194 18.64 11.16 -35.33
CA GLU B 194 17.72 10.20 -34.72
C GLU B 194 17.48 9.03 -35.68
N LEU B 195 17.64 7.81 -35.17
CA LEU B 195 17.48 6.57 -35.93
C LEU B 195 16.55 5.60 -35.20
N LEU B 196 15.71 4.89 -35.96
CA LEU B 196 14.77 3.97 -35.33
C LEU B 196 15.40 2.59 -35.15
N GLU B 197 16.25 2.18 -36.08
CA GLU B 197 16.83 0.85 -35.96
C GLU B 197 18.35 0.87 -36.04
N ALA B 198 18.95 -0.31 -35.82
CA ALA B 198 20.38 -0.45 -35.79
C ALA B 198 21.01 -0.13 -37.14
N ASN B 199 22.24 0.36 -37.09
CA ASN B 199 22.99 0.68 -38.29
C ASN B 199 24.47 0.78 -37.97
N PRO B 200 25.26 -0.25 -38.28
CA PRO B 200 26.69 -0.20 -37.94
C PRO B 200 27.40 0.98 -38.59
N LYS B 201 26.88 1.43 -39.71
CA LYS B 201 27.51 2.51 -40.44
C LYS B 201 26.91 3.85 -40.10
N ALA B 202 26.32 3.94 -38.91
CA ALA B 202 25.66 5.18 -38.49
C ALA B 202 26.56 6.43 -38.45
N GLU B 203 27.87 6.29 -38.18
CA GLU B 203 28.73 7.46 -38.08
C GLU B 203 28.83 8.17 -39.42
N GLY B 204 28.77 7.37 -40.49
CA GLY B 204 28.83 7.91 -41.83
C GLY B 204 27.60 8.76 -42.08
N LEU B 205 26.50 8.40 -41.43
CA LEU B 205 25.25 9.10 -41.64
C LEU B 205 25.20 10.45 -40.89
N LEU B 206 26.23 10.78 -40.10
CA LEU B 206 26.12 11.98 -39.31
C LEU B 206 25.97 13.23 -40.18
N GLN B 207 26.77 13.30 -41.26
CA GLN B 207 26.76 14.46 -42.20
C GLN B 207 26.64 15.80 -41.47
N GLY B 208 27.55 16.07 -40.53
CA GLY B 208 27.52 17.37 -39.89
C GLY B 208 26.83 17.43 -38.53
N LYS B 209 26.00 16.44 -38.22
CA LYS B 209 25.39 16.37 -36.89
C LYS B 209 26.43 15.78 -35.93
N HIS B 210 26.20 15.92 -34.63
CA HIS B 210 27.25 15.62 -33.67
C HIS B 210 27.10 14.29 -32.89
N SER B 211 25.97 13.62 -33.02
CA SER B 211 25.76 12.36 -32.33
C SER B 211 24.55 11.61 -32.89
N THR B 212 24.50 10.32 -32.59
CA THR B 212 23.38 9.47 -32.96
C THR B 212 22.46 9.22 -31.75
N LYS B 213 21.16 9.26 -31.96
CA LYS B 213 20.20 8.88 -30.92
C LYS B 213 19.32 7.75 -31.40
N GLY B 214 19.47 6.56 -30.80
CA GLY B 214 18.58 5.44 -31.11
C GLY B 214 17.29 5.68 -30.36
N LEU B 215 16.20 5.78 -31.09
CA LEU B 215 14.92 6.17 -30.51
C LEU B 215 14.19 5.00 -29.90
N GLY B 216 13.72 5.16 -28.67
CA GLY B 216 13.02 4.07 -28.00
C GLY B 216 11.55 4.29 -27.80
N LYS B 217 10.83 3.20 -27.53
CA LYS B 217 9.42 3.28 -27.18
C LYS B 217 9.20 4.15 -25.94
N MET B 218 10.19 4.19 -25.05
CA MET B 218 10.02 4.87 -23.78
C MET B 218 11.21 5.69 -23.38
N ALA B 219 10.95 6.82 -22.73
CA ALA B 219 12.01 7.73 -22.32
C ALA B 219 11.48 8.74 -21.30
N PRO B 220 12.39 9.36 -20.51
CA PRO B 220 12.07 10.56 -19.72
C PRO B 220 11.57 11.68 -20.62
N SER B 221 10.63 12.45 -20.11
CA SER B 221 10.10 13.57 -20.89
C SER B 221 10.55 14.88 -20.33
N SER B 222 10.74 15.85 -21.22
CA SER B 222 11.31 17.16 -20.86
C SER B 222 10.55 17.84 -19.71
N ALA B 223 9.28 17.49 -19.53
CA ALA B 223 8.49 18.04 -18.43
C ALA B 223 9.14 17.89 -17.03
N HIS B 224 9.85 16.79 -16.81
CA HIS B 224 10.44 16.52 -15.50
C HIS B 224 11.94 16.78 -15.46
N PHE B 225 12.48 17.28 -16.56
CA PHE B 225 13.90 17.52 -16.64
C PHE B 225 14.30 18.54 -15.58
N VAL B 226 15.56 18.46 -15.24
CA VAL B 226 16.12 19.24 -14.18
C VAL B 226 17.56 19.57 -14.54
N THR B 227 18.13 20.55 -13.89
CA THR B 227 19.52 20.83 -14.19
C THR B 227 20.47 20.65 -13.02
N LEU B 228 21.61 20.04 -13.31
CA LEU B 228 22.70 19.97 -12.34
C LEU B 228 24.03 20.52 -12.96
N ASN B 229 24.49 21.67 -12.45
CA ASN B 229 25.74 22.31 -12.91
C ASN B 229 25.80 22.54 -14.42
N GLY B 230 24.68 22.95 -15.01
CA GLY B 230 24.65 23.36 -16.40
C GLY B 230 24.35 22.26 -17.42
N SER B 231 24.08 21.05 -16.96
CA SER B 231 23.75 19.96 -17.88
C SER B 231 22.37 19.45 -17.53
N THR B 232 21.55 19.20 -18.54
CA THR B 232 20.25 18.63 -18.32
C THR B 232 20.29 17.18 -17.82
N VAL B 233 19.51 16.94 -16.77
CA VAL B 233 19.33 15.65 -16.15
C VAL B 233 17.92 15.11 -16.45
N PRO B 234 17.83 14.13 -17.34
CA PRO B 234 16.51 13.64 -17.79
C PRO B 234 15.85 12.76 -16.75
N LEU B 235 15.17 13.34 -15.76
CA LEU B 235 14.56 12.59 -14.66
C LEU B 235 13.35 11.81 -15.14
N GLY B 236 13.06 10.69 -14.49
CA GLY B 236 11.88 9.92 -14.86
C GLY B 236 10.65 10.53 -14.20
N PRO B 237 9.49 9.87 -14.30
CA PRO B 237 9.32 8.52 -14.88
C PRO B 237 9.31 8.54 -16.40
N ALA B 238 9.67 7.41 -17.00
CA ALA B 238 9.64 7.29 -18.45
C ALA B 238 8.20 7.19 -18.89
N SER B 239 7.91 7.67 -20.07
CA SER B 239 6.59 7.47 -20.62
C SER B 239 6.72 7.05 -22.06
N ASP B 240 5.61 6.53 -22.61
CA ASP B 240 5.55 6.17 -24.02
C ASP B 240 5.90 7.40 -24.85
N THR B 241 6.73 7.20 -25.86
CA THR B 241 7.16 8.30 -26.71
C THR B 241 6.34 8.35 -27.99
N GLY B 242 5.48 7.36 -28.16
CA GLY B 242 4.71 7.27 -29.38
C GLY B 242 5.58 6.89 -30.58
N ILE B 243 6.80 6.47 -30.32
CA ILE B 243 7.71 6.05 -31.39
C ILE B 243 7.47 4.61 -31.72
N LEU B 244 7.35 4.28 -33.00
CA LEU B 244 7.20 2.90 -33.37
C LEU B 244 7.99 2.64 -34.65
N ASN B 245 8.72 1.53 -34.74
CA ASN B 245 9.33 1.19 -36.03
C ASN B 245 8.26 0.48 -36.86
N PRO B 246 7.83 1.11 -37.99
CA PRO B 246 6.80 0.55 -38.90
C PRO B 246 7.30 -0.68 -39.66
N ASP B 247 8.58 -1.02 -39.50
CA ASP B 247 9.21 -2.15 -40.15
C ASP B 247 9.56 -3.33 -39.22
N GLY B 248 10.52 -3.16 -38.31
CA GLY B 248 10.95 -4.30 -37.49
C GLY B 248 11.04 -4.04 -36.01
N TYR B 249 12.11 -4.55 -35.44
CA TYR B 249 12.43 -4.42 -34.02
C TYR B 249 12.61 -2.93 -33.67
N THR B 250 11.82 -2.45 -32.71
CA THR B 250 12.02 -1.10 -32.22
C THR B 250 12.57 -1.13 -30.76
N LEU B 251 13.65 -0.39 -30.49
CA LEU B 251 14.27 -0.39 -29.17
C LEU B 251 13.34 0.01 -28.07
N ASN B 252 13.54 -0.58 -26.89
CA ASN B 252 12.72 -0.21 -25.73
C ASN B 252 13.04 1.16 -25.18
N TYR B 253 14.34 1.50 -25.09
CA TYR B 253 14.77 2.77 -24.51
C TYR B 253 15.83 3.47 -25.38
N ASN B 254 15.92 4.80 -25.31
CA ASN B 254 16.93 5.53 -26.11
C ASN B 254 18.35 5.07 -25.90
N GLU B 255 19.20 5.20 -26.90
CA GLU B 255 20.62 5.26 -26.61
C GLU B 255 21.33 6.38 -27.38
N TYR B 256 22.35 6.94 -26.74
CA TYR B 256 23.03 8.08 -27.29
C TYR B 256 24.45 7.68 -27.60
N ILE B 257 24.95 8.10 -28.76
CA ILE B 257 26.30 7.75 -29.16
C ILE B 257 27.05 8.97 -29.70
N VAL B 258 28.20 9.26 -29.11
CA VAL B 258 29.07 10.29 -29.64
C VAL B 258 30.33 9.60 -30.17
N TYR B 259 30.99 10.19 -31.16
CA TYR B 259 32.11 9.48 -31.79
C TYR B 259 33.49 10.09 -31.53
N ASN B 260 33.54 11.03 -30.59
CA ASN B 260 34.80 11.61 -30.17
C ASN B 260 34.82 11.78 -28.67
N PRO B 261 35.86 11.26 -28.01
CA PRO B 261 35.92 11.34 -26.55
C PRO B 261 35.87 12.75 -26.01
N ASN B 262 36.06 13.76 -26.83
CA ASN B 262 36.02 15.13 -26.32
C ASN B 262 34.61 15.66 -26.15
N GLN B 263 33.62 14.84 -26.52
CA GLN B 263 32.22 15.18 -26.26
C GLN B 263 31.77 14.60 -24.92
N VAL B 264 32.71 14.02 -24.18
CA VAL B 264 32.35 13.36 -22.94
C VAL B 264 33.16 13.90 -21.79
N ARG B 265 32.51 14.19 -20.68
CA ARG B 265 33.22 14.62 -19.46
C ARG B 265 32.66 13.96 -18.21
N MET B 266 33.39 13.00 -17.65
CA MET B 266 32.96 12.28 -16.46
C MET B 266 32.70 13.23 -15.29
N ARG B 267 31.62 12.96 -14.53
CA ARG B 267 31.23 13.83 -13.43
C ARG B 267 30.92 13.10 -12.13
N TYR B 268 30.21 11.98 -12.18
CA TYR B 268 29.86 11.22 -10.95
C TYR B 268 30.03 9.71 -11.11
N LEU B 269 30.29 9.05 -10.00
CA LEU B 269 30.41 7.61 -10.04
C LEU B 269 29.60 6.98 -8.92
N LEU B 270 28.63 6.15 -9.30
CA LEU B 270 27.76 5.51 -8.33
C LEU B 270 28.23 4.11 -7.98
N LYS B 271 28.31 3.85 -6.69
CA LYS B 271 28.59 2.53 -6.21
C LYS B 271 27.22 1.99 -5.95
N VAL B 272 26.82 0.99 -6.72
CA VAL B 272 25.42 0.61 -6.72
C VAL B 272 25.28 -0.83 -6.28
N GLN B 273 24.26 -1.11 -5.47
CA GLN B 273 24.01 -2.49 -5.09
C GLN B 273 22.79 -3.04 -5.81
N PHE B 274 22.93 -4.21 -6.42
CA PHE B 274 21.84 -4.88 -7.14
C PHE B 274 21.12 -5.88 -6.26
N ASN B 275 19.81 -5.71 -6.13
CA ASN B 275 19.01 -6.60 -5.31
C ASN B 275 18.13 -7.36 -6.22
N PHE B 276 18.47 -8.63 -6.45
CA PHE B 276 17.61 -9.42 -7.33
C PHE B 276 16.41 -9.95 -6.57
N LEU B 277 15.25 -9.80 -7.21
CA LEU B 277 13.96 -10.10 -6.60
C LEU B 277 13.43 -11.54 -6.75
N GLN B 278 14.07 -12.35 -7.59
CA GLN B 278 13.60 -13.72 -7.76
C GLN B 278 14.79 -14.62 -8.05
N LEU B 279 14.70 -15.89 -7.65
CA LEU B 279 15.69 -16.88 -8.05
C LEU B 279 15.68 -17.06 -9.57
N TRP B 280 14.57 -16.59 -10.17
CA TRP B 280 14.28 -16.59 -11.62
C TRP B 280 14.07 -18.01 -12.16
N PRO C 21 -36.69 -4.89 -50.97
CA PRO C 21 -36.56 -4.70 -49.51
C PRO C 21 -35.33 -3.88 -49.13
N GLU C 22 -35.49 -2.58 -48.94
CA GLU C 22 -34.36 -1.68 -48.66
C GLU C 22 -34.33 -1.34 -47.18
N SER C 23 -33.13 -1.30 -46.60
CA SER C 23 -32.97 -1.06 -45.16
C SER C 23 -33.18 0.41 -44.77
N GLN C 24 -33.70 0.61 -43.56
CA GLN C 24 -34.04 1.93 -43.01
C GLN C 24 -32.97 2.46 -42.07
N LEU C 25 -31.88 1.73 -41.93
CA LEU C 25 -30.77 2.11 -41.07
C LEU C 25 -29.68 2.84 -41.83
N ASP C 26 -28.97 3.73 -41.13
CA ASP C 26 -27.77 4.37 -41.68
C ASP C 26 -26.77 3.36 -42.22
N LEU C 27 -26.07 3.74 -43.30
CA LEU C 27 -25.15 2.87 -44.03
C LEU C 27 -24.08 2.24 -43.13
N ARG C 28 -23.64 2.99 -42.13
CA ARG C 28 -22.62 2.53 -41.17
C ARG C 28 -23.10 1.58 -40.10
N VAL C 29 -24.31 1.77 -39.61
CA VAL C 29 -24.89 0.86 -38.63
C VAL C 29 -25.18 -0.45 -39.34
N GLN C 30 -25.48 -0.36 -40.63
CA GLN C 30 -25.64 -1.56 -41.44
C GLN C 30 -24.39 -2.43 -41.35
N GLU C 31 -23.23 -1.82 -41.58
CA GLU C 31 -21.96 -2.54 -41.62
C GLU C 31 -21.66 -3.13 -40.26
N LEU C 32 -22.00 -2.40 -39.21
CA LEU C 32 -21.81 -2.88 -37.83
C LEU C 32 -22.66 -4.11 -37.53
N ILE C 33 -23.92 -4.07 -37.92
CA ILE C 33 -24.82 -5.18 -37.63
C ILE C 33 -24.38 -6.42 -38.39
N LYS C 34 -24.00 -6.26 -39.65
CA LYS C 34 -23.48 -7.41 -40.44
C LYS C 34 -22.37 -8.12 -39.66
N LEU C 35 -21.50 -7.34 -39.03
CA LEU C 35 -20.35 -7.85 -38.33
C LEU C 35 -20.68 -8.62 -37.07
N ILE C 36 -21.50 -8.06 -36.19
CA ILE C 36 -21.77 -8.75 -34.92
C ILE C 36 -22.92 -9.76 -35.00
N CYS C 37 -23.57 -9.88 -36.15
CA CYS C 37 -24.71 -10.76 -36.24
C CYS C 37 -24.56 -11.83 -37.30
N ASN C 38 -24.24 -11.40 -38.52
CA ASN C 38 -24.20 -12.31 -39.69
C ASN C 38 -23.07 -12.03 -40.69
N GLN C 49 -41.22 -13.34 -47.98
CA GLN C 49 -40.26 -12.25 -48.10
C GLN C 49 -40.87 -10.90 -47.68
N SER C 50 -40.47 -10.41 -46.50
CA SER C 50 -41.05 -9.18 -45.93
C SER C 50 -40.48 -7.86 -46.47
N PRO C 51 -41.22 -6.75 -46.30
CA PRO C 51 -40.71 -5.45 -46.73
C PRO C 51 -39.64 -4.87 -45.80
N GLU C 52 -39.29 -5.59 -44.74
CA GLU C 52 -38.27 -5.11 -43.80
C GLU C 52 -36.97 -5.87 -44.03
N HIS C 53 -35.88 -5.13 -44.12
CA HIS C 53 -34.58 -5.74 -44.28
C HIS C 53 -34.21 -6.48 -42.99
N PRO C 54 -33.71 -7.73 -43.14
CA PRO C 54 -33.34 -8.56 -41.98
C PRO C 54 -32.40 -7.82 -41.03
N LEU C 55 -31.62 -6.88 -41.55
CA LEU C 55 -30.76 -6.05 -40.70
C LEU C 55 -31.56 -5.25 -39.68
N ASP C 56 -32.67 -4.65 -40.10
CA ASP C 56 -33.41 -3.79 -39.16
C ASP C 56 -33.98 -4.63 -38.04
N GLN C 57 -34.25 -5.89 -38.33
CA GLN C 57 -34.78 -6.80 -37.32
C GLN C 57 -33.75 -7.05 -36.22
N HIS C 58 -32.54 -7.42 -36.63
CA HIS C 58 -31.43 -7.65 -35.71
C HIS C 58 -31.15 -6.39 -34.91
N TYR C 59 -31.15 -5.23 -35.57
CA TYR C 59 -30.90 -3.98 -34.88
C TYR C 59 -31.91 -3.66 -33.77
N ARG C 60 -33.18 -3.93 -34.05
CA ARG C 60 -34.26 -3.59 -33.11
C ARG C 60 -34.22 -4.44 -31.84
N ASN C 61 -33.86 -5.70 -32.00
CA ASN C 61 -33.88 -6.63 -30.89
C ASN C 61 -32.74 -6.41 -29.92
N LEU C 62 -31.93 -5.39 -30.19
CA LEU C 62 -30.85 -5.00 -29.29
C LEU C 62 -31.37 -4.10 -28.18
N HIS C 63 -32.43 -3.34 -28.50
CA HIS C 63 -32.99 -2.34 -27.59
C HIS C 63 -31.87 -1.42 -27.18
N CYS C 64 -31.15 -0.93 -28.17
CA CYS C 64 -29.97 -0.14 -27.94
C CYS C 64 -29.83 0.81 -29.12
N ALA C 65 -29.95 2.11 -28.84
CA ALA C 65 -29.71 3.12 -29.86
C ALA C 65 -28.23 3.13 -30.22
N LEU C 66 -27.95 3.18 -31.52
CA LEU C 66 -26.58 3.30 -32.02
C LEU C 66 -26.50 4.36 -33.11
N ARG C 67 -26.05 5.55 -32.75
CA ARG C 67 -25.96 6.65 -33.69
C ARG C 67 -24.52 6.88 -34.07
N PRO C 68 -24.18 6.71 -35.35
CA PRO C 68 -22.82 6.95 -35.79
C PRO C 68 -22.40 8.38 -35.54
N LEU C 69 -21.12 8.62 -35.29
CA LEU C 69 -20.63 9.97 -35.06
C LEU C 69 -19.82 10.45 -36.26
N ASP C 70 -19.75 11.76 -36.45
CA ASP C 70 -19.04 12.24 -37.63
C ASP C 70 -17.55 12.26 -37.31
N HIS C 71 -16.72 11.82 -38.25
CA HIS C 71 -15.27 11.75 -38.05
C HIS C 71 -14.62 13.07 -37.70
N GLU C 72 -15.41 14.14 -37.76
CA GLU C 72 -14.92 15.47 -37.54
C GLU C 72 -15.36 16.03 -36.19
N SER C 73 -16.30 15.39 -35.51
CA SER C 73 -16.80 15.91 -34.24
C SER C 73 -15.68 15.99 -33.24
N TYR C 74 -15.81 16.87 -32.26
CA TYR C 74 -14.83 16.96 -31.19
C TYR C 74 -14.66 15.58 -30.56
N GLU C 75 -15.77 14.87 -30.37
CA GLU C 75 -15.72 13.58 -29.66
C GLU C 75 -14.92 12.55 -30.41
N PHE C 76 -15.04 12.51 -31.73
CA PHE C 76 -14.26 11.56 -32.50
C PHE C 76 -12.79 11.87 -32.28
N LYS C 77 -12.46 13.16 -32.23
CA LYS C 77 -11.07 13.55 -32.10
C LYS C 77 -10.55 13.14 -30.72
N VAL C 78 -11.37 13.33 -29.68
CA VAL C 78 -11.00 12.92 -28.33
C VAL C 78 -10.88 11.40 -28.14
N ILE C 79 -11.88 10.65 -28.59
CA ILE C 79 -11.87 9.23 -28.38
C ILE C 79 -10.77 8.63 -29.22
N SER C 80 -10.59 9.17 -30.42
CA SER C 80 -9.52 8.70 -31.29
C SER C 80 -8.17 8.86 -30.61
N GLN C 81 -7.99 9.94 -29.85
CA GLN C 81 -6.69 10.11 -29.24
C GLN C 81 -6.58 9.17 -28.05
N TYR C 82 -7.68 8.99 -27.35
CA TYR C 82 -7.74 8.05 -26.24
C TYR C 82 -7.26 6.73 -26.76
N LEU C 83 -7.81 6.34 -27.90
CA LEU C 83 -7.50 5.06 -28.50
C LEU C 83 -6.01 4.92 -28.76
N GLN C 84 -5.42 5.93 -29.38
CA GLN C 84 -4.03 5.82 -29.83
C GLN C 84 -2.98 6.10 -28.74
N SER C 85 -3.26 7.06 -27.87
CA SER C 85 -2.31 7.43 -26.85
C SER C 85 -2.29 6.45 -25.70
N THR C 86 -3.24 5.51 -25.65
CA THR C 86 -3.16 4.55 -24.55
C THR C 86 -2.95 3.14 -25.07
N HIS C 87 -2.47 3.03 -26.31
CA HIS C 87 -1.90 1.78 -26.78
C HIS C 87 -0.51 1.59 -26.13
N ALA C 88 -0.45 0.57 -25.29
CA ALA C 88 0.71 0.30 -24.46
C ALA C 88 1.94 -0.05 -25.28
N PRO C 89 3.14 0.45 -24.86
CA PRO C 89 4.45 0.23 -25.48
C PRO C 89 4.81 -1.23 -25.54
N THR C 90 4.39 -1.99 -24.54
CA THR C 90 4.72 -3.40 -24.48
C THR C 90 3.75 -4.23 -25.32
N HIS C 91 2.79 -3.56 -25.95
CA HIS C 91 1.89 -4.25 -26.87
C HIS C 91 2.21 -3.90 -28.33
N SER C 92 3.46 -4.05 -28.73
CA SER C 92 3.87 -3.54 -30.03
C SER C 92 3.60 -4.49 -31.18
N ASP C 93 3.04 -5.66 -30.87
CA ASP C 93 2.90 -6.65 -31.91
C ASP C 93 1.73 -6.33 -32.86
N TYR C 94 1.02 -5.23 -32.62
CA TYR C 94 0.00 -4.79 -33.57
C TYR C 94 -0.28 -3.31 -33.35
N THR C 95 -0.93 -2.65 -34.31
CA THR C 95 -1.42 -1.26 -34.14
C THR C 95 -2.92 -1.26 -34.45
N MET C 96 -3.63 -0.19 -34.07
CA MET C 96 -5.08 -0.11 -34.33
C MET C 96 -5.54 1.12 -35.13
N THR C 97 -6.49 0.91 -36.03
CA THR C 97 -7.08 2.00 -36.78
C THR C 97 -8.55 2.09 -36.45
N LEU C 98 -9.03 3.28 -36.12
CA LEU C 98 -10.45 3.47 -35.80
C LEU C 98 -11.24 3.64 -37.08
N LEU C 99 -11.97 2.59 -37.46
CA LEU C 99 -12.78 2.57 -38.68
C LEU C 99 -14.05 3.36 -38.54
N ASP C 100 -14.77 3.11 -37.45
CA ASP C 100 -16.05 3.75 -37.17
C ASP C 100 -16.30 3.95 -35.68
N LEU C 101 -16.98 5.04 -35.35
CA LEU C 101 -17.33 5.32 -33.97
C LEU C 101 -18.85 5.43 -33.81
N PHE C 102 -19.38 4.88 -32.73
CA PHE C 102 -20.81 4.93 -32.45
C PHE C 102 -21.15 5.42 -31.03
N GLU C 103 -22.25 6.14 -30.92
CA GLU C 103 -22.72 6.55 -29.61
C GLU C 103 -23.72 5.53 -29.10
N VAL C 104 -23.57 5.16 -27.84
CA VAL C 104 -24.39 4.13 -27.25
C VAL C 104 -25.40 4.69 -26.23
N GLU C 105 -26.68 4.41 -26.43
CA GLU C 105 -27.68 4.70 -25.41
C GLU C 105 -28.55 3.49 -25.10
N LYS C 106 -28.25 2.88 -23.96
CA LYS C 106 -29.00 1.75 -23.43
C LYS C 106 -30.14 2.32 -22.63
N ASP C 107 -31.37 1.95 -22.96
CA ASP C 107 -32.53 2.43 -22.23
C ASP C 107 -32.45 2.00 -20.77
N GLY C 108 -32.74 2.92 -19.86
CA GLY C 108 -32.74 2.60 -18.45
C GLY C 108 -31.41 2.74 -17.75
N GLU C 109 -30.31 2.56 -18.49
CA GLU C 109 -28.95 2.62 -17.90
C GLU C 109 -28.66 4.01 -17.40
N LYS C 110 -29.20 4.99 -18.10
CA LYS C 110 -29.06 6.39 -17.72
C LYS C 110 -29.69 6.61 -16.33
N GLU C 111 -30.86 6.01 -16.11
CA GLU C 111 -31.58 6.16 -14.85
C GLU C 111 -30.95 5.38 -13.69
N ALA C 112 -30.53 4.15 -13.97
CA ALA C 112 -29.99 3.25 -12.95
C ALA C 112 -28.63 3.68 -12.38
N PHE C 113 -27.92 4.53 -13.11
CA PHE C 113 -26.53 4.84 -12.80
C PHE C 113 -26.26 5.56 -11.48
N ARG C 114 -25.24 5.09 -10.75
CA ARG C 114 -24.83 5.76 -9.52
C ARG C 114 -24.11 7.07 -9.78
N GLU C 115 -24.87 8.13 -9.97
CA GLU C 115 -24.23 9.43 -10.16
C GLU C 115 -23.62 10.01 -8.88
N ASP C 116 -24.06 9.55 -7.70
CA ASP C 116 -23.55 10.10 -6.43
C ASP C 116 -22.06 9.83 -6.21
N LEU C 117 -21.60 8.70 -6.72
CA LEU C 117 -20.25 8.27 -6.47
C LEU C 117 -19.29 9.18 -7.23
N HIS C 118 -18.17 9.50 -6.60
CA HIS C 118 -17.12 10.29 -7.21
C HIS C 118 -16.20 9.39 -8.02
N ASN C 119 -15.14 9.98 -8.59
CA ASN C 119 -14.19 9.29 -9.48
C ASN C 119 -14.87 8.60 -10.65
N ARG C 120 -15.67 9.32 -11.44
CA ARG C 120 -16.32 8.70 -12.58
C ARG C 120 -15.44 8.76 -13.84
N MET C 121 -15.04 7.61 -14.38
CA MET C 121 -14.13 7.59 -15.53
C MET C 121 -14.67 6.93 -16.77
N LEU C 122 -14.17 7.36 -17.92
CA LEU C 122 -14.49 6.71 -19.19
C LEU C 122 -13.43 5.62 -19.51
N LEU C 123 -13.83 4.35 -19.39
CA LEU C 123 -12.90 3.24 -19.42
C LEU C 123 -13.19 2.23 -20.55
N TRP C 124 -12.17 1.47 -20.94
CA TRP C 124 -12.27 0.56 -22.06
C TRP C 124 -12.80 -0.84 -21.65
N HIS C 125 -13.54 -1.45 -22.55
CA HIS C 125 -13.91 -2.83 -22.33
C HIS C 125 -13.84 -3.57 -23.64
N GLY C 126 -13.05 -4.63 -23.66
CA GLY C 126 -12.97 -5.49 -24.83
C GLY C 126 -13.59 -6.86 -24.60
N SER C 127 -14.03 -7.50 -25.67
CA SER C 127 -14.62 -8.83 -25.60
C SER C 127 -14.61 -9.49 -26.99
N ARG C 128 -14.84 -10.81 -27.02
CA ARG C 128 -15.00 -11.59 -28.26
C ARG C 128 -16.13 -11.08 -29.15
N MET C 129 -16.01 -11.34 -30.46
CA MET C 129 -17.05 -10.96 -31.40
C MET C 129 -18.36 -11.62 -31.04
N SER C 130 -18.30 -12.86 -30.58
CA SER C 130 -19.51 -13.61 -30.29
C SER C 130 -20.32 -13.01 -29.15
N ASN C 131 -19.70 -12.09 -28.40
CA ASN C 131 -20.32 -11.48 -27.23
C ASN C 131 -21.00 -10.13 -27.42
N TRP C 132 -20.79 -9.46 -28.55
CA TRP C 132 -21.29 -8.09 -28.61
C TRP C 132 -22.82 -8.04 -28.68
N VAL C 133 -23.48 -9.01 -29.33
CA VAL C 133 -24.95 -9.05 -29.31
C VAL C 133 -25.45 -9.12 -27.87
N GLY C 134 -24.87 -10.03 -27.10
CA GLY C 134 -25.25 -10.19 -25.71
C GLY C 134 -25.05 -8.94 -24.88
N ILE C 135 -23.90 -8.28 -25.03
CA ILE C 135 -23.58 -7.09 -24.24
C ILE C 135 -24.50 -5.92 -24.62
N LEU C 136 -24.72 -5.71 -25.92
CA LEU C 136 -25.57 -4.61 -26.36
C LEU C 136 -27.02 -4.87 -26.00
N SER C 137 -27.39 -6.14 -25.83
CA SER C 137 -28.75 -6.51 -25.47
C SER C 137 -29.06 -6.34 -24.00
N HIS C 138 -28.10 -6.66 -23.13
CA HIS C 138 -28.37 -6.66 -21.69
C HIS C 138 -27.47 -5.76 -20.88
N GLY C 139 -26.64 -4.97 -21.55
CA GLY C 139 -25.66 -4.18 -20.84
C GLY C 139 -24.58 -5.11 -20.35
N LEU C 140 -23.51 -4.56 -19.78
CA LEU C 140 -22.48 -5.45 -19.29
C LEU C 140 -22.99 -6.12 -18.02
N ARG C 141 -22.87 -7.45 -17.95
CA ARG C 141 -23.23 -8.17 -16.74
C ARG C 141 -21.98 -8.54 -15.99
N ILE C 142 -22.11 -8.74 -14.68
CA ILE C 142 -20.95 -9.18 -13.90
C ILE C 142 -20.61 -10.58 -14.32
N ALA C 143 -19.43 -11.05 -13.96
CA ALA C 143 -19.04 -12.40 -14.32
C ALA C 143 -20.03 -13.41 -13.68
N PRO C 144 -20.64 -14.27 -14.52
CA PRO C 144 -21.71 -15.25 -14.27
C PRO C 144 -21.45 -16.15 -13.05
N PRO C 145 -22.53 -16.59 -12.37
CA PRO C 145 -22.45 -17.20 -11.04
C PRO C 145 -21.70 -18.54 -10.92
N GLU C 146 -21.66 -19.36 -11.97
CA GLU C 146 -20.87 -20.60 -11.89
C GLU C 146 -19.42 -20.26 -12.23
N ALA C 147 -18.70 -19.79 -11.23
CA ALA C 147 -17.34 -19.30 -11.40
C ALA C 147 -16.38 -20.45 -11.63
N PRO C 148 -15.16 -20.15 -12.12
CA PRO C 148 -14.20 -21.24 -11.96
C PRO C 148 -14.03 -21.50 -10.47
N ILE C 149 -13.55 -22.67 -10.13
CA ILE C 149 -13.53 -23.10 -8.73
C ILE C 149 -12.46 -22.29 -7.96
N THR C 150 -11.45 -21.83 -8.69
CA THR C 150 -10.36 -21.00 -8.18
C THR C 150 -10.88 -19.55 -7.96
N GLY C 151 -11.87 -19.16 -8.75
CA GLY C 151 -12.37 -17.80 -8.77
C GLY C 151 -11.88 -16.99 -9.95
N TYR C 152 -12.35 -15.75 -10.01
CA TYR C 152 -11.88 -14.76 -10.97
C TYR C 152 -10.76 -13.96 -10.30
N MET C 153 -9.95 -13.32 -11.13
CA MET C 153 -8.78 -12.61 -10.66
C MET C 153 -9.11 -11.53 -9.61
N PHE C 154 -10.26 -10.86 -9.72
CA PHE C 154 -10.66 -9.87 -8.72
C PHE C 154 -12.16 -9.96 -8.44
N GLY C 155 -12.68 -11.19 -8.41
CA GLY C 155 -14.08 -11.44 -8.06
C GLY C 155 -15.13 -11.29 -9.15
N LYS C 156 -16.38 -11.48 -8.78
CA LYS C 156 -17.43 -11.45 -9.79
C LYS C 156 -17.82 -10.02 -10.02
N GLY C 157 -17.11 -9.36 -10.93
CA GLY C 157 -17.46 -8.00 -11.27
C GLY C 157 -17.39 -7.75 -12.76
N ILE C 158 -17.41 -6.46 -13.13
CA ILE C 158 -17.19 -6.05 -14.51
C ILE C 158 -15.85 -5.37 -14.59
N TYR C 159 -15.01 -5.82 -15.51
CA TYR C 159 -13.60 -5.40 -15.56
C TYR C 159 -13.36 -4.38 -16.66
N PHE C 160 -12.54 -3.37 -16.37
CA PHE C 160 -12.23 -2.32 -17.36
C PHE C 160 -10.76 -2.00 -17.33
N ALA C 161 -10.25 -1.34 -18.36
CA ALA C 161 -8.88 -0.86 -18.40
C ALA C 161 -8.83 0.61 -18.79
N ASP C 162 -7.73 1.30 -18.50
CA ASP C 162 -7.55 2.63 -19.05
C ASP C 162 -6.54 2.64 -20.19
N MET C 163 -5.99 1.46 -20.51
CA MET C 163 -5.12 1.28 -21.68
C MET C 163 -5.92 0.54 -22.74
N SER C 164 -6.11 1.21 -23.89
CA SER C 164 -6.97 0.69 -24.94
C SER C 164 -6.53 -0.71 -25.33
N SER C 165 -5.22 -0.92 -25.28
CA SER C 165 -4.66 -2.16 -25.82
C SER C 165 -4.72 -3.29 -24.80
N LYS C 166 -4.84 -2.97 -23.51
CA LYS C 166 -5.12 -3.95 -22.50
C LYS C 166 -6.46 -4.58 -22.87
N SER C 167 -7.45 -3.73 -23.09
CA SER C 167 -8.78 -4.15 -23.49
C SER C 167 -8.81 -4.85 -24.84
N ALA C 168 -8.07 -4.33 -25.82
CA ALA C 168 -8.11 -4.91 -27.15
C ALA C 168 -7.57 -6.35 -27.17
N ASN C 169 -6.66 -6.66 -26.25
CA ASN C 169 -6.17 -8.02 -26.19
C ASN C 169 -7.24 -9.03 -25.82
N TYR C 170 -8.35 -8.52 -25.28
CA TYR C 170 -9.50 -9.34 -24.94
C TYR C 170 -10.50 -9.48 -26.06
N CYS C 171 -10.17 -8.97 -27.25
CA CYS C 171 -10.99 -9.16 -28.42
C CYS C 171 -10.65 -10.46 -29.15
N PHE C 172 -9.51 -11.04 -28.84
CA PHE C 172 -9.06 -12.27 -29.48
C PHE C 172 -9.16 -12.20 -31.00
N ALA C 173 -8.69 -11.09 -31.54
CA ALA C 173 -8.60 -10.85 -32.95
C ALA C 173 -7.37 -11.56 -33.52
N SER C 174 -7.41 -11.81 -34.83
CA SER C 174 -6.31 -12.46 -35.53
C SER C 174 -6.06 -11.76 -36.88
N ARG C 175 -5.07 -12.22 -37.62
CA ARG C 175 -4.77 -11.63 -38.91
C ARG C 175 -5.95 -11.78 -39.87
N LEU C 176 -6.69 -12.87 -39.78
CA LEU C 176 -7.80 -13.08 -40.69
C LEU C 176 -9.03 -12.32 -40.22
N LYS C 177 -9.40 -12.53 -38.97
CA LYS C 177 -10.51 -11.82 -38.38
C LYS C 177 -9.96 -10.60 -37.61
N ASN C 178 -9.59 -9.57 -38.36
CA ASN C 178 -8.92 -8.42 -37.81
C ASN C 178 -9.82 -7.20 -37.64
N THR C 179 -11.11 -7.44 -37.50
CA THR C 179 -12.01 -6.35 -37.15
C THR C 179 -12.55 -6.67 -35.77
N GLY C 180 -12.51 -5.70 -34.86
CA GLY C 180 -13.02 -5.91 -33.52
C GLY C 180 -13.71 -4.68 -32.98
N LEU C 181 -14.32 -4.80 -31.80
CA LEU C 181 -14.99 -3.66 -31.18
C LEU C 181 -14.43 -3.36 -29.81
N LEU C 182 -14.35 -2.09 -29.46
CA LEU C 182 -14.01 -1.73 -28.10
C LEU C 182 -15.15 -0.93 -27.61
N LEU C 183 -15.53 -1.17 -26.35
CA LEU C 183 -16.62 -0.43 -25.72
C LEU C 183 -16.05 0.61 -24.74
N LEU C 184 -16.54 1.84 -24.82
CA LEU C 184 -16.27 2.87 -23.84
C LEU C 184 -17.49 3.05 -22.98
N SER C 185 -17.29 3.07 -21.66
CA SER C 185 -18.37 3.18 -20.71
C SER C 185 -18.02 4.16 -19.60
N GLU C 186 -19.00 4.94 -19.12
CA GLU C 186 -18.78 5.76 -17.92
C GLU C 186 -18.83 4.86 -16.72
N VAL C 187 -17.81 4.91 -15.85
CA VAL C 187 -17.77 4.01 -14.70
C VAL C 187 -17.65 4.74 -13.37
N ALA C 188 -18.67 4.59 -12.53
CA ALA C 188 -18.67 5.12 -11.17
C ALA C 188 -17.80 4.28 -10.26
N LEU C 189 -16.55 4.69 -10.09
CA LEU C 189 -15.62 3.90 -9.30
C LEU C 189 -15.78 4.19 -7.83
N GLY C 190 -16.18 5.42 -7.51
CA GLY C 190 -16.28 5.84 -6.13
C GLY C 190 -14.94 5.66 -5.45
N GLN C 191 -14.98 5.05 -4.27
CA GLN C 191 -13.75 4.74 -3.56
C GLN C 191 -13.17 3.39 -3.98
N CYS C 192 -11.92 3.41 -4.42
CA CYS C 192 -11.21 2.21 -4.89
C CYS C 192 -10.40 1.52 -3.79
N ASN C 193 -10.53 0.20 -3.68
CA ASN C 193 -9.59 -0.55 -2.86
C ASN C 193 -8.48 -0.98 -3.79
N GLU C 194 -7.28 -0.42 -3.57
CA GLU C 194 -6.17 -0.67 -4.45
C GLU C 194 -5.43 -1.94 -4.09
N LEU C 195 -5.21 -2.80 -5.07
CA LEU C 195 -4.53 -4.09 -4.83
C LEU C 195 -3.33 -4.32 -5.79
N LEU C 196 -2.28 -4.92 -5.27
CA LEU C 196 -1.09 -5.21 -6.06
C LEU C 196 -1.15 -6.54 -6.78
N GLU C 197 -1.77 -7.54 -6.19
CA GLU C 197 -1.84 -8.82 -6.85
C GLU C 197 -3.26 -9.31 -6.90
N ALA C 198 -3.43 -10.42 -7.59
CA ALA C 198 -4.76 -10.97 -7.76
C ALA C 198 -5.31 -11.43 -6.43
N ASN C 199 -6.62 -11.36 -6.28
CA ASN C 199 -7.32 -11.85 -5.11
C ASN C 199 -8.82 -11.97 -5.38
N PRO C 200 -9.32 -13.23 -5.51
CA PRO C 200 -10.72 -13.58 -5.80
C PRO C 200 -11.68 -13.05 -4.75
N LYS C 201 -11.15 -12.87 -3.55
CA LYS C 201 -11.97 -12.43 -2.43
C LYS C 201 -11.92 -10.89 -2.31
N ALA C 202 -11.53 -10.23 -3.38
CA ALA C 202 -11.38 -8.78 -3.40
C ALA C 202 -12.68 -8.06 -3.06
N GLU C 203 -13.83 -8.63 -3.39
CA GLU C 203 -15.09 -7.97 -3.12
C GLU C 203 -15.39 -7.92 -1.60
N GLY C 204 -14.92 -8.94 -0.89
CA GLY C 204 -15.04 -8.99 0.54
C GLY C 204 -14.14 -7.93 1.13
N LEU C 205 -13.02 -7.69 0.44
CA LEU C 205 -12.01 -6.78 0.91
C LEU C 205 -12.41 -5.32 0.77
N LEU C 206 -13.56 -5.06 0.13
CA LEU C 206 -13.98 -3.69 -0.11
C LEU C 206 -14.13 -2.92 1.19
N GLN C 207 -14.73 -3.58 2.19
CA GLN C 207 -14.97 -2.99 3.53
C GLN C 207 -15.49 -1.55 3.40
N GLY C 208 -16.58 -1.41 2.64
CA GLY C 208 -17.27 -0.14 2.48
C GLY C 208 -16.98 0.60 1.19
N LYS C 209 -15.88 0.25 0.53
CA LYS C 209 -15.52 0.88 -0.74
C LYS C 209 -16.28 0.30 -1.94
N HIS C 210 -16.26 1.04 -3.04
CA HIS C 210 -17.18 0.83 -4.16
C HIS C 210 -16.59 0.13 -5.41
N SER C 211 -15.28 -0.13 -5.39
CA SER C 211 -14.62 -0.81 -6.50
C SER C 211 -13.19 -1.23 -6.20
N THR C 212 -12.68 -2.14 -7.02
CA THR C 212 -11.29 -2.53 -6.90
C THR C 212 -10.47 -1.91 -8.02
N LYS C 213 -9.25 -1.49 -7.69
CA LYS C 213 -8.30 -1.07 -8.72
C LYS C 213 -7.00 -1.83 -8.59
N GLY C 214 -6.74 -2.70 -9.56
CA GLY C 214 -5.47 -3.41 -9.62
C GLY C 214 -4.40 -2.48 -10.16
N LEU C 215 -3.33 -2.28 -9.40
CA LEU C 215 -2.30 -1.31 -9.75
C LEU C 215 -1.24 -1.90 -10.66
N GLY C 216 -0.95 -1.20 -11.75
CA GLY C 216 0.03 -1.65 -12.73
C GLY C 216 1.30 -0.83 -12.73
N LYS C 217 2.35 -1.37 -13.34
CA LYS C 217 3.60 -0.64 -13.52
C LYS C 217 3.43 0.64 -14.31
N MET C 218 2.45 0.69 -15.21
CA MET C 218 2.27 1.89 -16.03
C MET C 218 0.85 2.28 -16.19
N ALA C 219 0.66 3.59 -16.28
CA ALA C 219 -0.66 4.16 -16.34
C ALA C 219 -0.62 5.57 -16.89
N PRO C 220 -1.74 6.00 -17.46
CA PRO C 220 -1.88 7.41 -17.80
C PRO C 220 -1.71 8.26 -16.57
N SER C 221 -1.15 9.44 -16.71
CA SER C 221 -1.05 10.35 -15.56
C SER C 221 -2.01 11.52 -15.72
N SER C 222 -2.54 11.96 -14.59
CA SER C 222 -3.63 12.95 -14.59
C SER C 222 -3.33 14.22 -15.36
N ALA C 223 -2.04 14.56 -15.47
CA ALA C 223 -1.60 15.76 -16.16
C ALA C 223 -2.23 15.89 -17.54
N HIS C 224 -2.45 14.74 -18.20
CA HIS C 224 -2.97 14.75 -19.57
C HIS C 224 -4.46 14.45 -19.66
N PHE C 225 -5.10 14.31 -18.49
CA PHE C 225 -6.52 13.98 -18.41
C PHE C 225 -7.40 15.07 -19.03
N VAL C 226 -8.60 14.66 -19.35
CA VAL C 226 -9.53 15.52 -20.04
C VAL C 226 -10.89 15.10 -19.46
N THR C 227 -11.87 15.97 -19.55
CA THR C 227 -13.19 15.62 -19.08
C THR C 227 -14.08 15.57 -20.30
N LEU C 228 -14.93 14.54 -20.33
CA LEU C 228 -15.88 14.41 -21.40
C LEU C 228 -17.23 14.12 -20.76
N ASN C 229 -18.14 15.09 -20.87
CA ASN C 229 -19.52 14.97 -20.39
C ASN C 229 -19.62 14.45 -18.95
N GLY C 230 -18.72 14.93 -18.09
CA GLY C 230 -18.77 14.66 -16.67
C GLY C 230 -17.97 13.45 -16.24
N SER C 231 -17.28 12.83 -17.20
CA SER C 231 -16.40 11.69 -16.92
C SER C 231 -15.00 12.03 -17.37
N THR C 232 -14.05 11.72 -16.51
CA THR C 232 -12.62 11.89 -16.75
C THR C 232 -12.14 10.92 -17.84
N VAL C 233 -11.40 11.43 -18.81
CA VAL C 233 -10.85 10.58 -19.86
C VAL C 233 -9.33 10.42 -19.68
N PRO C 234 -8.87 9.27 -19.18
CA PRO C 234 -7.44 9.21 -18.86
C PRO C 234 -6.60 9.04 -20.11
N LEU C 235 -6.35 10.14 -20.80
CA LEU C 235 -5.61 10.17 -22.04
C LEU C 235 -4.17 9.78 -21.78
N GLY C 236 -3.50 9.24 -22.80
CA GLY C 236 -2.10 8.85 -22.65
C GLY C 236 -1.24 10.09 -22.79
N PRO C 237 0.09 9.96 -22.81
CA PRO C 237 0.82 8.67 -22.81
C PRO C 237 0.91 8.03 -21.43
N ALA C 238 1.09 6.72 -21.41
CA ALA C 238 1.28 6.03 -20.15
C ALA C 238 2.68 6.34 -19.59
N SER C 239 2.79 6.34 -18.27
CA SER C 239 4.11 6.43 -17.68
C SER C 239 4.29 5.42 -16.55
N ASP C 240 5.56 5.20 -16.21
CA ASP C 240 5.96 4.38 -15.07
C ASP C 240 5.32 4.90 -13.78
N THR C 241 4.78 3.99 -12.99
CA THR C 241 4.17 4.38 -11.74
C THR C 241 5.10 4.03 -10.58
N GLY C 242 6.20 3.35 -10.90
CA GLY C 242 7.15 2.93 -9.89
C GLY C 242 6.60 1.89 -8.92
N ILE C 243 5.48 1.28 -9.27
CA ILE C 243 4.84 0.29 -8.43
C ILE C 243 5.52 -1.07 -8.59
N LEU C 244 5.72 -1.74 -7.47
CA LEU C 244 6.23 -3.11 -7.45
C LEU C 244 5.41 -3.97 -6.53
N ASN C 245 5.16 -5.19 -6.98
CA ASN C 245 4.56 -6.19 -6.10
C ASN C 245 5.71 -6.73 -5.29
N PRO C 246 5.64 -6.54 -3.96
CA PRO C 246 6.76 -6.93 -3.10
C PRO C 246 6.98 -8.47 -3.02
N ASP C 247 6.01 -9.29 -3.42
CA ASP C 247 6.28 -10.72 -3.36
C ASP C 247 6.33 -11.32 -4.77
N GLY C 248 5.25 -11.13 -5.53
CA GLY C 248 5.21 -11.78 -6.82
C GLY C 248 4.96 -10.91 -8.05
N TYR C 249 4.13 -11.42 -8.96
CA TYR C 249 3.91 -10.77 -10.23
C TYR C 249 3.24 -9.43 -10.04
N THR C 250 3.81 -8.40 -10.65
CA THR C 250 3.16 -7.10 -10.63
C THR C 250 2.58 -6.83 -12.01
N LEU C 251 1.34 -6.36 -12.03
CA LEU C 251 0.64 -6.04 -13.27
C LEU C 251 1.38 -5.03 -14.12
N ASN C 252 1.27 -5.21 -15.43
CA ASN C 252 1.82 -4.26 -16.34
C ASN C 252 0.99 -2.98 -16.34
N TYR C 253 -0.33 -3.13 -16.40
CA TYR C 253 -1.24 -1.97 -16.48
C TYR C 253 -2.41 -2.14 -15.55
N ASN C 254 -3.02 -1.03 -15.13
CA ASN C 254 -4.20 -1.05 -14.28
C ASN C 254 -5.37 -1.91 -14.75
N GLU C 255 -6.18 -2.42 -13.82
CA GLU C 255 -7.55 -2.78 -14.17
C GLU C 255 -8.48 -2.29 -13.07
N TYR C 256 -9.72 -1.99 -13.46
CA TYR C 256 -10.74 -1.49 -12.55
C TYR C 256 -11.88 -2.48 -12.51
N ILE C 257 -12.42 -2.75 -11.34
CA ILE C 257 -13.53 -3.71 -11.24
C ILE C 257 -14.66 -3.18 -10.40
N VAL C 258 -15.84 -3.14 -10.98
CA VAL C 258 -17.04 -2.79 -10.22
C VAL C 258 -17.91 -4.03 -10.05
N TYR C 259 -18.68 -4.08 -8.97
CA TYR C 259 -19.42 -5.28 -8.65
C TYR C 259 -20.94 -5.12 -8.76
N ASN C 260 -21.38 -3.99 -9.30
CA ASN C 260 -22.79 -3.74 -9.50
C ASN C 260 -23.02 -3.05 -10.82
N PRO C 261 -23.83 -3.65 -11.71
CA PRO C 261 -24.00 -3.09 -13.05
C PRO C 261 -24.53 -1.68 -13.08
N ASN C 262 -25.02 -1.14 -11.97
CA ASN C 262 -25.50 0.23 -12.01
C ASN C 262 -24.37 1.26 -11.85
N GLN C 263 -23.14 0.78 -11.72
CA GLN C 263 -21.98 1.67 -11.73
C GLN C 263 -21.45 1.79 -13.15
N VAL C 264 -22.18 1.23 -14.10
CA VAL C 264 -21.75 1.20 -15.50
C VAL C 264 -22.82 1.76 -16.40
N ARG C 265 -22.40 2.62 -17.32
CA ARG C 265 -23.26 3.19 -18.33
C ARG C 265 -22.50 3.27 -19.64
N MET C 266 -22.83 2.37 -20.56
CA MET C 266 -22.18 2.28 -21.86
C MET C 266 -22.34 3.59 -22.60
N ARG C 267 -21.32 4.02 -23.33
CA ARG C 267 -21.37 5.31 -24.04
C ARG C 267 -20.92 5.32 -25.47
N TYR C 268 -19.81 4.67 -25.80
CA TYR C 268 -19.34 4.73 -27.18
C TYR C 268 -18.90 3.36 -27.67
N LEU C 269 -19.05 3.14 -28.97
CA LEU C 269 -18.64 1.86 -29.50
C LEU C 269 -17.75 2.10 -30.70
N LEU C 270 -16.53 1.65 -30.56
CA LEU C 270 -15.54 1.84 -31.59
C LEU C 270 -15.48 0.60 -32.43
N LYS C 271 -15.50 0.77 -33.75
CA LYS C 271 -15.19 -0.33 -34.64
C LYS C 271 -13.72 -0.19 -35.03
N VAL C 272 -12.88 -1.10 -34.60
CA VAL C 272 -11.44 -0.89 -34.74
C VAL C 272 -10.84 -2.00 -35.61
N GLN C 273 -9.86 -1.63 -36.44
CA GLN C 273 -9.13 -2.56 -37.30
C GLN C 273 -7.71 -2.81 -36.78
N PHE C 274 -7.34 -4.08 -36.67
CA PHE C 274 -6.05 -4.51 -36.15
C PHE C 274 -5.01 -4.67 -37.23
N ASN C 275 -3.89 -3.98 -37.06
CA ASN C 275 -2.78 -4.10 -37.99
C ASN C 275 -1.62 -4.82 -37.33
N PHE C 276 -1.50 -6.11 -37.67
CA PHE C 276 -0.45 -6.95 -37.13
C PHE C 276 0.82 -6.72 -37.92
N LEU C 277 1.97 -6.81 -37.24
CA LEU C 277 3.20 -6.48 -37.91
C LEU C 277 3.63 -7.70 -38.73
N GLN C 278 4.82 -7.63 -39.34
CA GLN C 278 5.36 -8.63 -40.30
C GLN C 278 4.82 -8.39 -41.71
N PRO D 21 -51.84 -13.15 -6.89
CA PRO D 21 -52.00 -12.27 -5.73
C PRO D 21 -50.65 -11.61 -5.45
N GLU D 22 -50.47 -10.38 -5.90
CA GLU D 22 -49.13 -9.80 -6.01
C GLU D 22 -48.67 -9.05 -4.77
N SER D 23 -47.38 -9.17 -4.46
CA SER D 23 -46.80 -8.62 -3.24
C SER D 23 -46.72 -7.10 -3.25
N GLN D 24 -46.93 -6.51 -2.08
CA GLN D 24 -46.94 -5.06 -1.91
C GLN D 24 -45.67 -4.54 -1.24
N LEU D 25 -44.75 -5.44 -0.95
CA LEU D 25 -43.51 -5.07 -0.25
C LEU D 25 -42.40 -4.80 -1.25
N ASP D 26 -41.51 -3.87 -0.89
CA ASP D 26 -40.29 -3.62 -1.66
C ASP D 26 -39.51 -4.93 -1.81
N LEU D 27 -38.88 -5.11 -2.97
CA LEU D 27 -38.16 -6.36 -3.25
C LEU D 27 -37.15 -6.66 -2.15
N ARG D 28 -36.62 -5.61 -1.51
CA ARG D 28 -35.62 -5.76 -0.47
C ARG D 28 -36.21 -6.29 0.82
N VAL D 29 -37.44 -5.88 1.14
CA VAL D 29 -38.12 -6.40 2.32
C VAL D 29 -38.55 -7.85 2.10
N GLN D 30 -38.96 -8.17 0.87
CA GLN D 30 -39.33 -9.53 0.51
C GLN D 30 -38.20 -10.48 0.81
N GLU D 31 -37.02 -10.10 0.34
CA GLU D 31 -35.83 -10.94 0.45
C GLU D 31 -35.50 -11.14 1.90
N LEU D 32 -35.70 -10.09 2.69
CA LEU D 32 -35.49 -10.16 4.14
C LEU D 32 -36.43 -11.19 4.78
N ILE D 33 -37.72 -11.12 4.42
CA ILE D 33 -38.72 -12.02 4.98
C ILE D 33 -38.45 -13.49 4.58
N LYS D 34 -38.08 -13.70 3.32
CA LYS D 34 -37.72 -15.03 2.82
C LYS D 34 -36.63 -15.67 3.70
N LEU D 35 -35.66 -14.84 4.09
CA LEU D 35 -34.50 -15.23 4.90
C LEU D 35 -34.86 -15.52 6.37
N ILE D 36 -35.60 -14.62 7.03
CA ILE D 36 -35.92 -14.77 8.46
C ILE D 36 -37.16 -15.62 8.79
N CYS D 37 -37.87 -16.11 7.80
CA CYS D 37 -39.08 -16.88 8.11
C CYS D 37 -39.01 -18.32 7.65
N ASN D 38 -39.53 -18.54 6.46
CA ASN D 38 -39.59 -19.86 5.88
C ASN D 38 -39.39 -19.76 4.35
N SER D 50 -55.70 -16.06 2.68
CA SER D 50 -55.38 -15.48 1.37
C SER D 50 -55.73 -13.98 1.15
N PRO D 51 -55.65 -13.12 2.20
CA PRO D 51 -55.95 -11.71 1.91
C PRO D 51 -54.79 -10.92 1.31
N GLU D 52 -53.60 -11.53 1.27
CA GLU D 52 -52.40 -10.82 0.85
C GLU D 52 -51.30 -11.86 0.55
N HIS D 53 -50.23 -11.43 -0.14
CA HIS D 53 -49.13 -12.32 -0.51
C HIS D 53 -48.60 -12.93 0.78
N PRO D 54 -48.33 -14.25 0.79
CA PRO D 54 -47.88 -14.86 2.06
C PRO D 54 -46.68 -14.13 2.70
N LEU D 55 -45.84 -13.51 1.87
CA LEU D 55 -44.77 -12.68 2.38
C LEU D 55 -45.38 -11.52 3.16
N ASP D 56 -46.40 -10.90 2.58
CA ASP D 56 -47.01 -9.74 3.22
C ASP D 56 -47.70 -10.17 4.51
N GLN D 57 -48.16 -11.41 4.55
CA GLN D 57 -48.79 -11.96 5.74
C GLN D 57 -47.77 -12.04 6.89
N HIS D 58 -46.62 -12.64 6.60
CA HIS D 58 -45.52 -12.76 7.57
C HIS D 58 -45.07 -11.38 8.06
N TYR D 59 -44.91 -10.46 7.12
CA TYR D 59 -44.50 -9.11 7.46
C TYR D 59 -45.54 -8.42 8.35
N ARG D 60 -46.84 -8.61 8.08
CA ARG D 60 -47.83 -7.89 8.90
C ARG D 60 -47.79 -8.40 10.32
N ASN D 61 -47.59 -9.71 10.48
CA ASN D 61 -47.63 -10.33 11.79
C ASN D 61 -46.39 -10.10 12.64
N LEU D 62 -45.47 -9.31 12.13
CA LEU D 62 -44.34 -8.88 12.94
C LEU D 62 -44.79 -7.68 13.77
N HIS D 63 -45.76 -6.91 13.24
CA HIS D 63 -46.21 -5.65 13.85
C HIS D 63 -44.98 -4.77 14.08
N CYS D 64 -44.23 -4.64 13.00
CA CYS D 64 -42.96 -3.96 13.05
C CYS D 64 -42.77 -3.38 11.68
N ALA D 65 -42.81 -2.06 11.58
CA ALA D 65 -42.52 -1.46 10.29
C ALA D 65 -41.05 -1.70 9.94
N LEU D 66 -40.77 -2.08 8.69
CA LEU D 66 -39.40 -2.23 8.23
C LEU D 66 -39.20 -1.52 6.92
N ARG D 67 -38.62 -0.33 6.99
CA ARG D 67 -38.44 0.50 5.81
C ARG D 67 -37.00 0.52 5.31
N PRO D 68 -36.78 0.01 4.09
CA PRO D 68 -35.47 -0.01 3.46
C PRO D 68 -34.94 1.37 3.16
N LEU D 69 -33.63 1.58 3.36
CA LEU D 69 -32.97 2.86 3.08
C LEU D 69 -32.04 2.73 1.87
N ASP D 70 -31.82 3.84 1.17
CA ASP D 70 -30.99 3.85 -0.03
C ASP D 70 -29.51 4.02 0.33
N HIS D 71 -28.66 3.29 -0.40
CA HIS D 71 -27.22 3.26 -0.19
C HIS D 71 -26.55 4.63 -0.28
N GLU D 72 -27.33 5.65 -0.63
CA GLU D 72 -26.81 7.01 -0.84
C GLU D 72 -27.11 7.90 0.33
N SER D 73 -27.96 7.40 1.21
CA SER D 73 -28.44 8.15 2.36
C SER D 73 -27.32 8.47 3.31
N TYR D 74 -27.47 9.56 4.05
CA TYR D 74 -26.56 9.90 5.14
C TYR D 74 -26.52 8.76 6.16
N GLU D 75 -27.71 8.24 6.47
CA GLU D 75 -27.86 7.21 7.48
C GLU D 75 -27.19 5.89 7.05
N PHE D 76 -27.32 5.53 5.79
CA PHE D 76 -26.62 4.36 5.29
C PHE D 76 -25.11 4.51 5.39
N LYS D 77 -24.64 5.72 5.09
CA LYS D 77 -23.23 6.02 5.07
C LYS D 77 -22.66 6.04 6.49
N VAL D 78 -23.40 6.64 7.41
CA VAL D 78 -22.96 6.69 8.80
C VAL D 78 -22.95 5.27 9.37
N ILE D 79 -24.02 4.52 9.13
CA ILE D 79 -24.08 3.20 9.74
C ILE D 79 -23.06 2.27 9.08
N SER D 80 -22.84 2.46 7.79
CA SER D 80 -21.80 1.72 7.12
C SER D 80 -20.47 1.98 7.83
N GLN D 81 -20.21 3.21 8.27
CA GLN D 81 -18.94 3.49 8.94
C GLN D 81 -18.91 2.90 10.37
N TYR D 82 -20.04 2.98 11.06
CA TYR D 82 -20.19 2.34 12.35
C TYR D 82 -19.87 0.84 12.22
N LEU D 83 -20.43 0.23 11.18
CA LEU D 83 -20.23 -1.19 11.01
C LEU D 83 -18.76 -1.52 10.87
N GLN D 84 -18.06 -0.78 10.02
CA GLN D 84 -16.69 -1.10 9.63
C GLN D 84 -15.64 -0.60 10.60
N SER D 85 -15.85 0.56 11.20
CA SER D 85 -14.84 1.10 12.09
C SER D 85 -14.85 0.45 13.48
N THR D 86 -15.90 -0.30 13.82
CA THR D 86 -15.95 -0.97 15.10
C THR D 86 -15.89 -2.47 14.90
N HIS D 87 -15.42 -2.86 13.73
CA HIS D 87 -14.96 -4.22 13.56
C HIS D 87 -13.62 -4.42 14.29
N ALA D 88 -13.66 -5.22 15.35
CA ALA D 88 -12.53 -5.37 16.26
C ALA D 88 -11.28 -5.96 15.59
N PRO D 89 -10.10 -5.45 15.98
CA PRO D 89 -8.83 -5.96 15.47
C PRO D 89 -8.62 -7.44 15.73
N THR D 90 -9.08 -7.98 16.87
CA THR D 90 -8.79 -9.38 17.20
C THR D 90 -9.78 -10.32 16.54
N HIS D 91 -10.70 -9.76 15.77
CA HIS D 91 -11.67 -10.55 15.04
C HIS D 91 -11.33 -10.58 13.56
N SER D 92 -10.12 -11.07 13.30
CA SER D 92 -9.53 -10.98 11.97
C SER D 92 -9.89 -12.09 10.99
N ASP D 93 -10.67 -13.08 11.40
CA ASP D 93 -10.92 -14.23 10.53
C ASP D 93 -12.00 -14.01 9.46
N TYR D 94 -12.62 -12.83 9.45
CA TYR D 94 -13.62 -12.47 8.43
C TYR D 94 -13.78 -10.97 8.28
N THR D 95 -14.42 -10.57 7.19
CA THR D 95 -14.84 -9.19 7.00
C THR D 95 -16.36 -9.17 6.78
N MET D 96 -16.96 -7.98 6.85
CA MET D 96 -18.39 -7.82 6.66
C MET D 96 -18.70 -6.85 5.52
N THR D 97 -19.74 -7.22 4.76
CA THR D 97 -20.25 -6.41 3.66
C THR D 97 -21.65 -6.01 4.07
N LEU D 98 -22.00 -4.73 3.97
CA LEU D 98 -23.35 -4.32 4.31
C LEU D 98 -24.31 -4.44 3.11
N LEU D 99 -25.13 -5.48 3.08
CA LEU D 99 -25.98 -5.70 1.91
C LEU D 99 -27.16 -4.76 1.82
N ASP D 100 -27.92 -4.66 2.90
CA ASP D 100 -29.16 -3.89 2.90
C ASP D 100 -29.41 -3.24 4.24
N LEU D 101 -29.97 -2.05 4.25
CA LEU D 101 -30.23 -1.41 5.53
C LEU D 101 -31.71 -1.10 5.65
N PHE D 102 -32.25 -1.33 6.85
CA PHE D 102 -33.67 -1.08 7.10
C PHE D 102 -33.84 -0.19 8.31
N GLU D 103 -34.88 0.64 8.24
CA GLU D 103 -35.30 1.50 9.36
C GLU D 103 -36.36 0.75 10.15
N VAL D 104 -36.21 0.71 11.47
CA VAL D 104 -37.13 -0.07 12.30
C VAL D 104 -38.07 0.77 13.17
N GLU D 105 -39.37 0.51 13.02
CA GLU D 105 -40.34 1.08 13.95
C GLU D 105 -41.25 -0.01 14.52
N LYS D 106 -40.96 -0.37 15.76
CA LYS D 106 -41.80 -1.28 16.53
C LYS D 106 -42.83 -0.45 17.28
N ASP D 107 -44.10 -0.73 17.04
CA ASP D 107 -45.19 -0.01 17.72
C ASP D 107 -45.19 -0.21 19.26
N GLY D 108 -45.41 0.89 19.98
CA GLY D 108 -45.47 0.85 21.42
C GLY D 108 -44.10 1.09 22.05
N GLU D 109 -43.05 0.70 21.35
CA GLU D 109 -41.70 0.82 21.88
C GLU D 109 -41.28 2.29 22.06
N LYS D 110 -41.71 3.16 21.14
CA LYS D 110 -41.40 4.60 21.26
C LYS D 110 -42.02 5.24 22.50
N GLU D 111 -43.26 4.88 22.77
CA GLU D 111 -44.03 5.43 23.88
C GLU D 111 -43.53 4.87 25.23
N ALA D 112 -43.29 3.57 25.25
CA ALA D 112 -42.84 2.90 26.46
C ALA D 112 -41.39 3.29 26.80
N PHE D 113 -40.66 3.81 25.80
CA PHE D 113 -39.24 4.08 25.94
C PHE D 113 -38.99 5.18 26.98
N ARG D 114 -37.98 4.94 27.82
CA ARG D 114 -37.51 5.86 28.86
C ARG D 114 -36.75 7.06 28.27
N GLU D 115 -37.47 8.08 27.84
CA GLU D 115 -36.85 9.27 27.29
C GLU D 115 -36.15 10.07 28.40
N ASP D 116 -36.55 9.84 29.65
CA ASP D 116 -36.01 10.55 30.81
C ASP D 116 -34.53 10.27 30.95
N LEU D 117 -34.13 9.05 30.62
CA LEU D 117 -32.75 8.63 30.83
C LEU D 117 -31.75 9.24 29.87
N HIS D 118 -30.61 9.60 30.44
CA HIS D 118 -29.44 10.08 29.72
C HIS D 118 -28.56 8.90 29.28
N ASN D 119 -27.44 9.19 28.62
CA ASN D 119 -26.62 8.17 27.98
C ASN D 119 -27.44 7.33 27.02
N ARG D 120 -28.10 7.97 26.07
CA ARG D 120 -28.79 7.18 25.08
C ARG D 120 -27.79 6.88 23.96
N MET D 121 -27.49 5.59 23.79
CA MET D 121 -26.50 5.16 22.81
C MET D 121 -27.12 4.25 21.81
N LEU D 122 -26.59 4.26 20.60
CA LEU D 122 -26.99 3.28 19.59
C LEU D 122 -26.06 2.05 19.62
N LEU D 123 -26.58 0.91 20.08
CA LEU D 123 -25.72 -0.23 20.35
C LEU D 123 -26.09 -1.44 19.51
N TRP D 124 -25.13 -2.36 19.37
CA TRP D 124 -25.28 -3.54 18.53
C TRP D 124 -25.87 -4.71 19.29
N HIS D 125 -26.74 -5.45 18.62
CA HIS D 125 -27.19 -6.72 19.12
C HIS D 125 -27.28 -7.71 17.97
N GLY D 126 -26.54 -8.81 18.09
CA GLY D 126 -26.58 -9.91 17.13
C GLY D 126 -27.24 -11.14 17.73
N SER D 127 -27.76 -12.00 16.87
CA SER D 127 -28.43 -13.24 17.28
C SER D 127 -28.55 -14.23 16.13
N ARG D 128 -28.84 -15.49 16.46
CA ARG D 128 -29.11 -16.50 15.43
C ARG D 128 -30.24 -16.12 14.52
N MET D 129 -30.22 -16.61 13.27
CA MET D 129 -31.27 -16.29 12.32
C MET D 129 -32.63 -16.64 12.90
N SER D 130 -32.70 -17.77 13.61
CA SER D 130 -33.98 -18.30 14.08
C SER D 130 -34.68 -17.37 15.05
N ASN D 131 -33.94 -16.42 15.61
CA ASN D 131 -34.48 -15.56 16.65
C ASN D 131 -35.09 -14.28 16.10
N TRP D 132 -34.86 -13.99 14.83
CA TRP D 132 -35.26 -12.69 14.35
C TRP D 132 -36.78 -12.54 14.25
N VAL D 133 -37.51 -13.61 13.90
CA VAL D 133 -38.97 -13.54 13.94
C VAL D 133 -39.40 -13.21 15.36
N GLY D 134 -38.84 -13.94 16.31
CA GLY D 134 -39.16 -13.69 17.69
C GLY D 134 -38.84 -12.28 18.12
N ILE D 135 -37.67 -11.80 17.75
CA ILE D 135 -37.18 -10.50 18.21
C ILE D 135 -38.02 -9.36 17.63
N LEU D 136 -38.29 -9.42 16.34
CA LEU D 136 -39.08 -8.37 15.70
C LEU D 136 -40.56 -8.41 16.12
N SER D 137 -41.05 -9.57 16.52
CA SER D 137 -42.46 -9.69 16.90
C SER D 137 -42.72 -9.16 18.32
N HIS D 138 -41.82 -9.42 19.24
CA HIS D 138 -42.10 -9.09 20.63
C HIS D 138 -41.08 -8.14 21.23
N GLY D 139 -40.13 -7.67 20.43
CA GLY D 139 -39.04 -6.84 20.93
C GLY D 139 -38.03 -7.67 21.69
N LEU D 140 -36.94 -7.07 22.13
CA LEU D 140 -35.95 -7.83 22.87
C LEU D 140 -36.42 -8.15 24.28
N ARG D 141 -36.27 -9.42 24.64
CA ARG D 141 -36.61 -9.92 25.97
C ARG D 141 -35.35 -10.10 26.78
N ILE D 142 -35.45 -10.07 28.10
CA ILE D 142 -34.27 -10.37 28.89
C ILE D 142 -33.95 -11.86 28.82
N ALA D 143 -32.76 -12.20 29.30
CA ALA D 143 -32.28 -13.57 29.29
C ALA D 143 -33.21 -14.54 30.03
N PRO D 144 -33.44 -15.71 29.45
CA PRO D 144 -34.29 -16.75 30.02
C PRO D 144 -33.94 -17.11 31.48
N PRO D 145 -34.97 -17.37 32.30
CA PRO D 145 -34.78 -17.55 33.74
C PRO D 145 -34.07 -18.87 34.07
N GLU D 146 -34.24 -19.85 33.19
CA GLU D 146 -33.55 -21.14 33.31
C GLU D 146 -32.17 -21.00 32.69
N ALA D 147 -31.24 -20.56 33.53
CA ALA D 147 -29.90 -20.19 33.07
C ALA D 147 -29.12 -21.39 32.58
N PRO D 148 -28.09 -21.12 31.78
CA PRO D 148 -27.06 -22.12 31.42
C PRO D 148 -26.26 -22.59 32.62
N ILE D 149 -25.51 -23.68 32.42
CA ILE D 149 -24.80 -24.34 33.51
C ILE D 149 -23.70 -23.39 34.05
N THR D 150 -23.30 -22.45 33.19
CA THR D 150 -22.32 -21.43 33.52
C THR D 150 -22.89 -20.25 34.32
N GLY D 151 -24.13 -19.89 34.02
CA GLY D 151 -24.80 -18.67 34.49
C GLY D 151 -24.71 -17.59 33.41
N TYR D 152 -25.34 -16.44 33.59
CA TYR D 152 -25.10 -15.36 32.64
C TYR D 152 -23.99 -14.47 33.13
N MET D 153 -23.30 -13.83 32.20
CA MET D 153 -22.13 -13.07 32.59
C MET D 153 -22.46 -11.88 33.49
N PHE D 154 -23.60 -11.25 33.26
CA PHE D 154 -24.00 -10.11 34.10
C PHE D 154 -25.46 -10.18 34.46
N GLY D 155 -25.92 -11.40 34.75
CA GLY D 155 -27.28 -11.60 35.22
C GLY D 155 -28.28 -11.57 34.08
N LYS D 156 -29.55 -11.71 34.44
CA LYS D 156 -30.61 -11.85 33.46
C LYS D 156 -31.07 -10.53 32.90
N GLY D 157 -30.39 -10.04 31.87
CA GLY D 157 -30.75 -8.79 31.22
C GLY D 157 -30.72 -8.87 29.71
N ILE D 158 -30.68 -7.72 29.04
CA ILE D 158 -30.45 -7.67 27.61
C ILE D 158 -29.06 -7.10 27.29
N TYR D 159 -28.29 -7.83 26.49
CA TYR D 159 -26.87 -7.51 26.31
C TYR D 159 -26.62 -6.81 25.01
N PHE D 160 -25.72 -5.83 25.03
CA PHE D 160 -25.35 -5.11 23.82
C PHE D 160 -23.83 -4.92 23.72
N ALA D 161 -23.38 -4.64 22.50
CA ALA D 161 -21.97 -4.35 22.25
C ALA D 161 -21.85 -3.01 21.55
N ASP D 162 -20.68 -2.37 21.65
CA ASP D 162 -20.42 -1.20 20.80
C ASP D 162 -19.44 -1.57 19.68
N MET D 163 -18.96 -2.82 19.69
CA MET D 163 -18.13 -3.34 18.60
C MET D 163 -19.00 -4.25 17.73
N SER D 164 -19.17 -3.87 16.46
CA SER D 164 -20.03 -4.62 15.56
C SER D 164 -19.66 -6.10 15.51
N SER D 165 -18.37 -6.39 15.54
CA SER D 165 -17.93 -7.76 15.31
C SER D 165 -18.07 -8.62 16.55
N LYS D 166 -18.12 -7.99 17.71
CA LYS D 166 -18.42 -8.75 18.92
C LYS D 166 -19.84 -9.31 18.82
N SER D 167 -20.77 -8.46 18.40
CA SER D 167 -22.15 -8.86 18.17
C SER D 167 -22.33 -9.87 17.02
N ALA D 168 -21.60 -9.67 15.93
CA ALA D 168 -21.71 -10.51 14.77
C ALA D 168 -21.30 -11.94 15.11
N ASN D 169 -20.40 -12.09 16.08
CA ASN D 169 -19.99 -13.43 16.46
C ASN D 169 -21.16 -14.15 17.06
N TYR D 170 -22.19 -13.42 17.47
CA TYR D 170 -23.42 -14.05 17.98
C TYR D 170 -24.41 -14.36 16.87
N CYS D 171 -24.01 -14.15 15.63
CA CYS D 171 -24.87 -14.54 14.52
C CYS D 171 -24.72 -15.99 14.14
N PHE D 172 -23.67 -16.64 14.63
CA PHE D 172 -23.39 -18.04 14.31
C PHE D 172 -23.45 -18.29 12.81
N ALA D 173 -22.79 -17.42 12.05
CA ALA D 173 -22.62 -17.51 10.60
C ALA D 173 -21.47 -18.45 10.27
N SER D 174 -21.48 -18.96 9.05
CA SER D 174 -20.48 -19.91 8.56
C SER D 174 -20.17 -19.60 7.10
N ARG D 175 -19.26 -20.35 6.48
CA ARG D 175 -18.92 -20.07 5.08
C ARG D 175 -20.08 -20.30 4.14
N LEU D 176 -20.89 -21.31 4.42
CA LEU D 176 -22.00 -21.63 3.55
C LEU D 176 -23.21 -20.78 3.91
N LYS D 177 -23.52 -20.69 5.19
CA LYS D 177 -24.58 -19.79 5.63
C LYS D 177 -23.90 -18.47 6.07
N ASN D 178 -23.47 -17.68 5.10
CA ASN D 178 -22.64 -16.51 5.41
C ASN D 178 -23.41 -15.19 5.43
N THR D 179 -24.71 -15.30 5.64
CA THR D 179 -25.56 -14.13 5.79
C THR D 179 -26.15 -14.06 7.21
N GLY D 180 -26.08 -12.88 7.83
CA GLY D 180 -26.67 -12.70 9.13
C GLY D 180 -27.27 -11.32 9.24
N LEU D 181 -27.90 -11.03 10.38
CA LEU D 181 -28.46 -9.72 10.65
C LEU D 181 -27.87 -9.06 11.87
N LEU D 182 -27.70 -7.75 11.83
CA LEU D 182 -27.33 -7.04 13.03
C LEU D 182 -28.35 -5.96 13.35
N LEU D 183 -28.67 -5.84 14.63
CA LEU D 183 -29.64 -4.87 15.10
C LEU D 183 -28.96 -3.69 15.80
N LEU D 184 -29.35 -2.50 15.43
CA LEU D 184 -28.96 -1.30 16.15
C LEU D 184 -30.15 -0.85 16.94
N SER D 185 -29.97 -0.54 18.22
CA SER D 185 -31.10 -0.09 19.02
C SER D 185 -30.64 1.08 19.86
N GLU D 186 -31.50 2.06 20.04
CA GLU D 186 -31.22 3.15 20.97
C GLU D 186 -31.38 2.56 22.35
N VAL D 187 -30.36 2.67 23.19
CA VAL D 187 -30.38 2.03 24.51
C VAL D 187 -30.17 3.10 25.56
N ALA D 188 -31.19 3.28 26.38
CA ALA D 188 -31.15 4.18 27.51
C ALA D 188 -30.28 3.57 28.59
N LEU D 189 -29.01 3.94 28.64
CA LEU D 189 -28.10 3.32 29.59
C LEU D 189 -28.23 4.01 30.95
N GLY D 190 -28.60 5.29 30.93
CA GLY D 190 -28.69 6.07 32.15
C GLY D 190 -27.34 6.11 32.88
N GLN D 191 -27.39 5.90 34.20
CA GLN D 191 -26.15 5.83 34.98
C GLN D 191 -25.68 4.37 35.02
N CYS D 192 -24.45 4.12 34.60
CA CYS D 192 -23.92 2.76 34.54
C CYS D 192 -23.17 2.32 35.78
N ASN D 193 -23.41 1.10 36.22
CA ASN D 193 -22.49 0.48 37.16
C ASN D 193 -21.45 -0.29 36.34
N GLU D 194 -20.18 0.17 36.39
CA GLU D 194 -19.08 -0.41 35.63
C GLU D 194 -18.43 -1.56 36.38
N LEU D 195 -18.23 -2.69 35.72
CA LEU D 195 -17.60 -3.84 36.37
C LEU D 195 -16.43 -4.38 35.55
N LEU D 196 -15.41 -4.84 36.24
CA LEU D 196 -14.25 -5.40 35.57
C LEU D 196 -14.37 -6.88 35.27
N GLU D 197 -15.02 -7.65 36.14
CA GLU D 197 -15.14 -9.08 35.86
C GLU D 197 -16.60 -9.50 35.94
N ALA D 198 -16.87 -10.75 35.58
CA ALA D 198 -18.23 -11.24 35.53
C ALA D 198 -18.83 -11.31 36.93
N ASN D 199 -20.13 -11.07 37.00
CA ASN D 199 -20.85 -11.08 38.26
C ASN D 199 -22.33 -11.34 38.00
N PRO D 200 -22.80 -12.54 38.35
CA PRO D 200 -24.20 -12.98 38.18
C PRO D 200 -25.23 -12.14 38.97
N LYS D 201 -24.82 -11.56 40.09
CA LYS D 201 -25.75 -10.76 40.87
C LYS D 201 -25.61 -9.28 40.48
N ALA D 202 -25.14 -9.03 39.26
CA ALA D 202 -24.88 -7.66 38.83
C ALA D 202 -26.10 -6.77 38.90
N GLU D 203 -27.27 -7.36 38.67
CA GLU D 203 -28.51 -6.58 38.67
C GLU D 203 -28.83 -6.01 40.05
N GLY D 204 -28.54 -6.79 41.09
CA GLY D 204 -28.76 -6.34 42.46
C GLY D 204 -27.82 -5.22 42.85
N LEU D 205 -26.61 -5.24 42.28
CA LEU D 205 -25.56 -4.29 42.62
C LEU D 205 -25.84 -2.91 42.00
N LEU D 206 -26.91 -2.81 41.22
CA LEU D 206 -27.23 -1.57 40.52
C LEU D 206 -27.38 -0.44 41.52
N GLN D 207 -28.07 -0.77 42.62
CA GLN D 207 -28.30 0.13 43.74
C GLN D 207 -28.64 1.56 43.26
N GLY D 208 -29.67 1.68 42.43
CA GLY D 208 -30.13 2.99 41.98
C GLY D 208 -29.65 3.38 40.60
N LYS D 209 -28.60 2.73 40.11
CA LYS D 209 -28.13 2.97 38.74
C LYS D 209 -28.99 2.17 37.77
N HIS D 210 -28.97 2.52 36.47
CA HIS D 210 -29.94 2.00 35.49
C HIS D 210 -29.43 0.92 34.52
N SER D 211 -28.13 0.62 34.56
CA SER D 211 -27.53 -0.38 33.68
C SER D 211 -26.14 -0.86 34.12
N THR D 212 -25.72 -2.02 33.62
CA THR D 212 -24.39 -2.56 33.87
C THR D 212 -23.53 -2.36 32.63
N LYS D 213 -22.28 -1.97 32.85
CA LYS D 213 -21.32 -1.90 31.76
C LYS D 213 -20.10 -2.72 32.09
N GLY D 214 -19.91 -3.83 31.39
CA GLY D 214 -18.71 -4.63 31.54
C GLY D 214 -17.59 -4.00 30.75
N LEU D 215 -16.49 -3.66 31.41
CA LEU D 215 -15.39 -2.91 30.81
C LEU D 215 -14.39 -3.75 30.04
N GLY D 216 -14.09 -3.34 28.81
CA GLY D 216 -13.15 -4.07 27.98
C GLY D 216 -11.81 -3.35 27.82
N LYS D 217 -10.79 -4.12 27.46
CA LYS D 217 -9.44 -3.60 27.23
C LYS D 217 -9.45 -2.55 26.13
N MET D 218 -10.45 -2.65 25.24
CA MET D 218 -10.53 -1.78 24.08
C MET D 218 -11.93 -1.32 23.80
N ALA D 219 -12.02 -0.09 23.31
CA ALA D 219 -13.31 0.51 23.02
C ALA D 219 -13.13 1.72 22.14
N PRO D 220 -14.19 2.09 21.40
CA PRO D 220 -14.25 3.42 20.79
C PRO D 220 -14.12 4.50 21.86
N SER D 221 -13.52 5.63 21.52
CA SER D 221 -13.44 6.74 22.47
C SER D 221 -14.34 7.88 22.04
N SER D 222 -14.81 8.62 23.02
CA SER D 222 -15.82 9.66 22.78
C SER D 222 -15.46 10.69 21.71
N ALA D 223 -14.18 10.92 21.48
CA ALA D 223 -13.73 11.88 20.46
C ALA D 223 -14.33 11.67 19.05
N HIS D 224 -14.58 10.41 18.68
CA HIS D 224 -15.11 10.10 17.35
C HIS D 224 -16.61 9.88 17.40
N PHE D 225 -17.22 10.12 18.56
CA PHE D 225 -18.65 9.92 18.68
C PHE D 225 -19.34 10.86 17.74
N VAL D 226 -20.57 10.50 17.39
CA VAL D 226 -21.37 11.22 16.44
C VAL D 226 -22.78 11.08 16.97
N THR D 227 -23.68 11.95 16.53
CA THR D 227 -25.06 11.86 16.95
C THR D 227 -25.92 11.57 15.75
N LEU D 228 -26.84 10.63 15.94
CA LEU D 228 -27.81 10.28 14.93
C LEU D 228 -29.19 10.21 15.56
N ASN D 229 -30.04 11.18 15.23
CA ASN D 229 -31.42 11.23 15.73
C ASN D 229 -31.54 11.07 17.25
N GLY D 230 -30.64 11.71 17.99
CA GLY D 230 -30.76 11.77 19.44
C GLY D 230 -30.02 10.71 20.20
N SER D 231 -29.25 9.91 19.48
CA SER D 231 -28.45 8.85 20.07
C SER D 231 -26.99 8.98 19.73
N THR D 232 -26.14 8.76 20.71
CA THR D 232 -24.72 8.72 20.45
C THR D 232 -24.39 7.48 19.64
N VAL D 233 -23.63 7.65 18.57
CA VAL D 233 -23.14 6.55 17.75
C VAL D 233 -21.63 6.41 18.05
N PRO D 234 -21.27 5.39 18.83
CA PRO D 234 -19.85 5.35 19.21
C PRO D 234 -18.99 4.88 18.07
N LEU D 235 -18.67 5.77 17.13
CA LEU D 235 -17.93 5.33 15.97
C LEU D 235 -16.52 4.94 16.37
N GLY D 236 -15.93 4.02 15.62
CA GLY D 236 -14.58 3.57 15.85
C GLY D 236 -13.61 4.59 15.26
N PRO D 237 -12.32 4.28 15.25
CA PRO D 237 -11.68 3.01 15.60
C PRO D 237 -11.59 2.78 17.10
N ALA D 238 -11.47 1.52 17.51
CA ALA D 238 -11.31 1.17 18.91
C ALA D 238 -9.91 1.52 19.42
N SER D 239 -9.80 1.90 20.67
CA SER D 239 -8.48 2.10 21.26
C SER D 239 -8.40 1.47 22.63
N ASP D 240 -7.16 1.35 23.09
CA ASP D 240 -6.85 0.84 24.42
C ASP D 240 -7.59 1.70 25.44
N THR D 241 -8.20 1.05 26.42
CA THR D 241 -8.92 1.77 27.44
C THR D 241 -8.01 1.86 28.64
N GLY D 242 -6.88 1.17 28.56
CA GLY D 242 -5.92 1.12 29.65
C GLY D 242 -6.47 0.39 30.87
N ILE D 243 -7.63 -0.23 30.70
CA ILE D 243 -8.28 -0.94 31.79
C ILE D 243 -7.76 -2.36 31.89
N LEU D 244 -7.40 -2.76 33.09
CA LEU D 244 -6.96 -4.12 33.29
C LEU D 244 -7.54 -4.64 34.59
N ASN D 245 -8.00 -5.89 34.57
CA ASN D 245 -8.45 -6.52 35.80
C ASN D 245 -7.26 -7.14 36.55
N PRO D 246 -6.96 -6.62 37.75
CA PRO D 246 -5.83 -7.08 38.54
C PRO D 246 -5.97 -8.49 39.12
N ASP D 247 -7.12 -9.13 38.96
CA ASP D 247 -7.30 -10.46 39.55
C ASP D 247 -7.30 -11.54 38.47
N GLY D 248 -8.22 -11.48 37.54
CA GLY D 248 -8.29 -12.48 36.50
C GLY D 248 -8.45 -11.94 35.10
N TYR D 249 -9.32 -12.65 34.37
CA TYR D 249 -9.70 -12.35 33.00
C TYR D 249 -10.41 -11.00 32.86
N THR D 250 -9.89 -10.19 31.96
CA THR D 250 -10.54 -8.94 31.62
C THR D 250 -11.13 -9.03 30.21
N LEU D 251 -12.38 -8.58 30.04
CA LEU D 251 -13.04 -8.62 28.73
C LEU D 251 -12.24 -7.85 27.68
N ASN D 252 -12.27 -8.33 26.43
CA ASN D 252 -11.58 -7.63 25.35
C ASN D 252 -12.27 -6.34 24.94
N TYR D 253 -13.60 -6.39 24.92
CA TYR D 253 -14.42 -5.26 24.49
C TYR D 253 -15.57 -5.00 25.45
N ASN D 254 -16.06 -3.76 25.52
CA ASN D 254 -17.22 -3.47 26.38
C ASN D 254 -18.46 -4.36 26.09
N GLU D 255 -19.24 -4.65 27.13
CA GLU D 255 -20.64 -5.02 26.89
C GLU D 255 -21.55 -4.28 27.86
N TYR D 256 -22.75 -4.01 27.36
CA TYR D 256 -23.75 -3.23 28.04
C TYR D 256 -25.01 -4.04 28.32
N ILE D 257 -25.54 -3.90 29.52
CA ILE D 257 -26.71 -4.68 29.89
C ILE D 257 -27.80 -3.84 30.56
N VAL D 258 -29.01 -3.92 30.02
CA VAL D 258 -30.18 -3.31 30.64
C VAL D 258 -31.12 -4.42 31.13
N TYR D 259 -31.86 -4.17 32.19
CA TYR D 259 -32.66 -5.23 32.82
C TYR D 259 -34.15 -4.97 32.69
N ASN D 260 -34.49 -4.00 31.86
CA ASN D 260 -35.87 -3.70 31.57
C ASN D 260 -35.99 -3.37 30.09
N PRO D 261 -36.90 -4.04 29.37
CA PRO D 261 -37.04 -3.71 27.95
C PRO D 261 -37.44 -2.25 27.67
N ASN D 262 -37.85 -1.48 28.69
CA ASN D 262 -38.24 -0.10 28.42
C ASN D 262 -37.06 0.83 28.26
N GLN D 263 -35.85 0.29 28.42
CA GLN D 263 -34.64 1.04 28.15
C GLN D 263 -34.19 0.85 26.70
N VAL D 264 -35.01 0.19 25.89
CA VAL D 264 -34.64 -0.20 24.51
C VAL D 264 -35.61 0.23 23.41
N ARG D 265 -35.10 0.73 22.29
CA ARG D 265 -35.96 1.02 21.12
C ARG D 265 -35.22 0.68 19.82
N MET D 266 -35.63 -0.41 19.17
CA MET D 266 -34.97 -0.87 17.95
C MET D 266 -35.03 0.21 16.86
N ARG D 267 -33.96 0.38 16.08
CA ARG D 267 -33.88 1.46 15.08
C ARG D 267 -33.46 1.09 13.67
N TYR D 268 -32.44 0.25 13.52
CA TYR D 268 -32.00 -0.17 12.18
C TYR D 268 -31.71 -1.68 12.16
N LEU D 269 -31.87 -2.31 11.02
CA LEU D 269 -31.58 -3.74 10.86
C LEU D 269 -30.65 -3.93 9.67
N LEU D 270 -29.45 -4.42 9.92
CA LEU D 270 -28.47 -4.54 8.86
C LEU D 270 -28.47 -5.95 8.32
N LYS D 271 -28.59 -6.11 7.00
CA LYS D 271 -28.41 -7.43 6.42
C LYS D 271 -26.97 -7.51 5.95
N VAL D 272 -26.18 -8.34 6.61
CA VAL D 272 -24.73 -8.31 6.43
C VAL D 272 -24.23 -9.67 5.94
N GLN D 273 -23.23 -9.63 5.07
CA GLN D 273 -22.62 -10.83 4.53
C GLN D 273 -21.25 -11.06 5.16
N PHE D 274 -20.99 -12.30 5.55
CA PHE D 274 -19.73 -12.62 6.17
C PHE D 274 -18.77 -13.15 5.16
N ASN D 275 -17.61 -12.51 5.04
CA ASN D 275 -16.56 -12.98 4.15
C ASN D 275 -15.41 -13.55 4.95
N PHE D 276 -15.31 -14.87 4.98
CA PHE D 276 -14.25 -15.54 5.72
C PHE D 276 -12.93 -15.58 4.92
N LEU D 277 -11.79 -15.35 5.59
CA LEU D 277 -10.52 -15.20 4.89
C LEU D 277 -9.63 -16.45 4.64
N GLN D 278 -9.59 -17.41 5.58
CA GLN D 278 -8.72 -18.59 5.40
C GLN D 278 -9.09 -19.44 4.16
#